data_6JW0
#
_entry.id   6JW0
#
_cell.length_a   85.836
_cell.length_b   87.396
_cell.length_c   88.135
_cell.angle_alpha   90.000
_cell.angle_beta   104.120
_cell.angle_gamma   90.000
#
_symmetry.space_group_name_H-M   'P 1 21 1'
#
loop_
_entity.id
_entity.type
_entity.pdbx_description
1 polymer 'TAL effector'
2 polymer "DNA (5'-D(*TP*GP*TP*CP*CP*CP*TP*TP*CP*GP*CP*GP*TP*CP*TP*CP*T)-3')"
3 polymer "DNA (5'-D(*AP*GP*AP*GP*AP*CP*GP*CP*GP*AP*AP*GP*GP*GP*AP*CP*A)-3')"
4 water water
#
loop_
_entity_poly.entity_id
_entity_poly.type
_entity_poly.pdbx_seq_one_letter_code
_entity_poly.pdbx_strand_id
1 'polypeptide(L)'
;MQWSGARALEALLTVAGELRGPPLQLDTGQLLKIAKRGGVTAVEAVHAWRNALTGAPLNLTPEQVVAIASHDGGKQALET
VQRLLPVLCQAHGLTPQQVVAIASHDGGKQALETVQRLLPVLCQAHGLTPEQVVAIASHDGGKQALETVQALLPVLCQAH
GLTPEQVVAIASNGGGKQALETVQRLLPVLCQAHGLTPQQVVAIASNGGGKQALETVQRLLPVLCQAHGLTPQQVVAIAS
RGGKQALETVQRLLPVLCQAHGLTPQQVVAIASNNGGKQALETVQRLLPVLCQAHGLTPQQVVAIASHDGGKQALETVQR
LLPVLCQAHGLTPQQVVAIASNNGGKQALETVQRLLPVLCQAHGLTPEQVVAIASNGGGKQALETVQRLLPVLCQAHGLT
PEQVVAIASHDGGKQALETVQRLLPVLCQAHGLTPQQVVAIASNGGGRPALESIVAQLSRPDPALAALTNDHLVALACLG
GRPALDAVKKLEHHHHHH
;
A,B
2 'polydeoxyribonucleotide' (DT)(DG)(DT)(DC)(DC)(DC)(DT)(DT)(DC)(DG)(DC)(DG)(DT)(DC)(DT)(DC)(DT) I,C
3 'polydeoxyribonucleotide' (DA)(DG)(DA)(DG)(DA)(DC)(DG)(DC)(DG)(DA)(DA)(DG)(DG)(DG)(DA)(DC)(DA) J,D
#
loop_
_chem_comp.id
_chem_comp.type
_chem_comp.name
_chem_comp.formula
DA DNA linking 2'-DEOXYADENOSINE-5'-MONOPHOSPHATE 'C10 H14 N5 O6 P'
DC DNA linking 2'-DEOXYCYTIDINE-5'-MONOPHOSPHATE 'C9 H14 N3 O7 P'
DG DNA linking 2'-DEOXYGUANOSINE-5'-MONOPHOSPHATE 'C10 H14 N5 O7 P'
DT DNA linking THYMIDINE-5'-MONOPHOSPHATE 'C10 H15 N2 O8 P'
#
# COMPACT_ATOMS: atom_id res chain seq x y z
N MET A 1 -8.41 -45.92 30.61
CA MET A 1 -7.57 -45.13 31.56
C MET A 1 -8.41 -44.74 32.76
N GLN A 2 -9.47 -43.99 32.48
CA GLN A 2 -10.31 -43.36 33.51
C GLN A 2 -10.78 -44.44 34.47
N TRP A 3 -10.57 -44.21 35.75
CA TRP A 3 -10.86 -45.21 36.73
C TRP A 3 -12.37 -45.01 37.18
N SER A 4 -13.26 -45.16 36.20
CA SER A 4 -14.60 -45.74 36.36
C SER A 4 -14.68 -46.87 35.30
N GLY A 5 -13.61 -47.68 35.23
CA GLY A 5 -13.43 -48.73 34.23
C GLY A 5 -12.15 -49.45 34.66
N ALA A 6 -11.97 -50.72 34.30
CA ALA A 6 -10.72 -51.48 34.58
C ALA A 6 -10.52 -52.79 33.73
N ARG A 7 -9.31 -53.01 33.21
CA ARG A 7 -9.06 -54.01 32.07
C ARG A 7 -9.77 -53.62 30.73
N ALA A 8 -10.62 -52.62 30.81
CA ALA A 8 -10.80 -51.70 29.70
C ALA A 8 -9.47 -51.00 29.32
N LEU A 9 -8.50 -51.01 30.24
CA LEU A 9 -7.20 -50.43 29.96
C LEU A 9 -6.45 -51.32 29.02
N GLU A 10 -6.61 -52.64 29.16
CA GLU A 10 -5.92 -53.51 28.27
C GLU A 10 -6.51 -53.25 26.89
N ALA A 11 -7.83 -53.16 26.79
CA ALA A 11 -8.46 -52.98 25.50
C ALA A 11 -7.97 -51.67 24.84
N LEU A 12 -8.06 -50.57 25.56
CA LEU A 12 -7.48 -49.32 25.15
C LEU A 12 -6.00 -49.33 24.74
N LEU A 13 -5.14 -49.96 25.54
CA LEU A 13 -3.71 -50.00 25.18
C LEU A 13 -3.50 -50.84 23.98
N THR A 14 -4.40 -51.77 23.77
CA THR A 14 -4.25 -52.62 22.57
C THR A 14 -4.70 -51.89 21.29
N VAL A 15 -5.70 -51.05 21.45
CA VAL A 15 -6.09 -50.16 20.38
C VAL A 15 -4.90 -49.24 19.99
N ALA A 16 -4.19 -48.71 20.99
CA ALA A 16 -3.06 -47.83 20.74
C ALA A 16 -1.87 -48.55 20.05
N GLY A 17 -1.58 -49.74 20.52
CA GLY A 17 -0.57 -50.56 19.90
C GLY A 17 -0.87 -50.78 18.43
N GLU A 18 -2.11 -51.08 18.09
CA GLU A 18 -2.47 -51.33 16.70
C GLU A 18 -2.28 -50.09 15.75
N LEU A 19 -2.37 -48.90 16.29
CA LEU A 19 -2.17 -47.70 15.48
C LEU A 19 -0.72 -47.53 15.09
N ARG A 20 0.18 -48.15 15.87
CA ARG A 20 1.59 -48.17 15.51
C ARG A 20 1.85 -48.95 14.23
N GLY A 21 0.89 -49.79 13.88
CA GLY A 21 0.91 -50.56 12.67
C GLY A 21 0.29 -49.81 11.51
N PRO A 22 0.04 -50.54 10.42
CA PRO A 22 -0.49 -49.87 9.26
C PRO A 22 -1.99 -49.59 9.22
N PRO A 23 -2.36 -48.36 8.88
CA PRO A 23 -2.06 -47.65 7.65
C PRO A 23 -1.39 -46.35 8.17
N LEU A 24 -1.49 -46.07 9.47
CA LEU A 24 -0.95 -44.85 10.08
C LEU A 24 0.51 -44.91 10.57
N GLN A 25 0.92 -46.03 11.17
CA GLN A 25 2.28 -46.18 11.69
C GLN A 25 2.58 -45.10 12.71
N LEU A 26 1.66 -44.85 13.61
CA LEU A 26 1.90 -43.77 14.56
C LEU A 26 3.03 -44.12 15.51
N ASP A 27 3.89 -43.13 15.81
CA ASP A 27 4.96 -43.28 16.82
C ASP A 27 4.45 -42.79 18.17
N THR A 28 5.29 -42.97 19.19
CA THR A 28 4.87 -42.68 20.57
C THR A 28 4.46 -41.24 20.77
N GLY A 29 5.20 -40.31 20.16
CA GLY A 29 4.89 -38.87 20.25
C GLY A 29 3.51 -38.53 19.68
N GLN A 30 3.14 -39.20 18.62
CA GLN A 30 1.88 -38.97 17.99
C GLN A 30 0.68 -39.48 18.83
N LEU A 31 0.83 -40.67 19.35
CA LEU A 31 -0.18 -41.22 20.24
C LEU A 31 -0.30 -40.36 21.47
N LEU A 32 0.83 -39.88 21.94
CA LEU A 32 0.82 -39.09 23.14
C LEU A 32 0.05 -37.81 22.87
N LYS A 33 0.31 -37.20 21.72
CA LYS A 33 -0.34 -35.95 21.41
C LYS A 33 -1.85 -36.17 21.34
N ILE A 34 -2.28 -37.27 20.72
CA ILE A 34 -3.72 -37.55 20.67
C ILE A 34 -4.30 -37.75 22.09
N ALA A 35 -3.68 -38.60 22.89
CA ALA A 35 -4.22 -38.89 24.24
C ALA A 35 -4.25 -37.65 25.12
N LYS A 36 -3.24 -36.79 25.00
CA LYS A 36 -3.22 -35.58 25.79
C LYS A 36 -4.41 -34.66 25.49
N ARG A 37 -4.84 -34.54 24.25
CA ARG A 37 -5.90 -33.58 23.94
C ARG A 37 -7.21 -34.14 23.38
N GLY A 38 -7.18 -34.95 22.37
CA GLY A 38 -8.46 -35.57 21.98
C GLY A 38 -8.99 -36.60 22.97
N GLY A 39 -8.10 -37.15 23.78
CA GLY A 39 -8.47 -38.14 24.80
C GLY A 39 -8.66 -39.52 24.27
N VAL A 40 -9.24 -40.36 25.11
CA VAL A 40 -9.45 -41.72 24.72
C VAL A 40 -10.50 -41.86 23.61
N THR A 41 -11.58 -41.10 23.60
CA THR A 41 -12.48 -41.25 22.47
C THR A 41 -11.79 -40.86 21.15
N ALA A 42 -10.86 -39.91 21.12
CA ALA A 42 -10.17 -39.59 19.87
C ALA A 42 -9.29 -40.77 19.51
N VAL A 43 -8.62 -41.35 20.50
CA VAL A 43 -7.75 -42.50 20.23
C VAL A 43 -8.61 -43.60 19.58
N GLU A 44 -9.79 -43.86 20.13
CA GLU A 44 -10.63 -44.95 19.61
C GLU A 44 -11.14 -44.62 18.19
N ALA A 45 -11.51 -43.36 18.00
CA ALA A 45 -12.05 -42.91 16.72
C ALA A 45 -11.01 -43.01 15.64
N VAL A 46 -9.78 -42.65 15.93
CA VAL A 46 -8.71 -42.76 14.95
C VAL A 46 -8.57 -44.24 14.54
N HIS A 47 -8.63 -45.14 15.54
CA HIS A 47 -8.47 -46.54 15.26
C HIS A 47 -9.63 -47.10 14.43
N ALA A 48 -10.85 -46.83 14.86
CA ALA A 48 -11.99 -47.26 14.05
C ALA A 48 -11.99 -46.74 12.58
N TRP A 49 -11.54 -45.51 12.33
CA TRP A 49 -11.66 -45.06 10.96
C TRP A 49 -10.31 -44.85 10.26
N ARG A 50 -9.27 -45.51 10.75
CA ARG A 50 -7.95 -45.35 10.15
C ARG A 50 -7.92 -45.62 8.64
N ASN A 51 -8.71 -46.58 8.14
CA ASN A 51 -8.69 -46.90 6.70
C ASN A 51 -9.45 -45.87 5.88
N ALA A 52 -10.62 -45.48 6.38
CA ALA A 52 -11.41 -44.47 5.71
C ALA A 52 -10.70 -43.10 5.63
N LEU A 53 -9.94 -42.73 6.64
CA LEU A 53 -9.28 -41.41 6.67
C LEU A 53 -8.03 -41.38 5.74
N THR A 54 -7.48 -42.53 5.55
CA THR A 54 -6.24 -42.67 4.84
C THR A 54 -6.47 -43.13 3.37
N GLY A 55 -7.71 -43.49 3.05
CA GLY A 55 -8.08 -43.84 1.69
C GLY A 55 -8.93 -42.76 0.99
N ALA A 56 -9.29 -43.04 -0.24
CA ALA A 56 -10.08 -42.13 -1.02
C ALA A 56 -11.54 -42.05 -0.64
N PRO A 57 -12.02 -40.86 -0.41
CA PRO A 57 -11.79 -39.77 -1.33
C PRO A 57 -10.93 -38.80 -0.47
N LEU A 58 -10.53 -39.24 0.73
CA LEU A 58 -9.89 -38.36 1.68
C LEU A 58 -8.38 -38.30 1.53
N ASN A 59 -7.74 -39.46 1.54
CA ASN A 59 -6.30 -39.56 1.32
C ASN A 59 -5.42 -38.74 2.26
N LEU A 60 -5.84 -38.65 3.51
CA LEU A 60 -5.11 -37.90 4.51
C LEU A 60 -3.85 -38.62 4.93
N THR A 61 -2.77 -37.87 5.17
CA THR A 61 -1.53 -38.46 5.69
C THR A 61 -1.73 -38.77 7.19
N PRO A 62 -0.85 -39.61 7.79
CA PRO A 62 -0.98 -39.87 9.24
C PRO A 62 -0.87 -38.59 10.03
N GLU A 63 0.02 -37.69 9.61
CA GLU A 63 0.21 -36.47 10.36
C GLU A 63 -1.05 -35.59 10.30
N GLN A 64 -1.77 -35.62 9.19
CA GLN A 64 -3.00 -34.86 9.12
C GLN A 64 -4.11 -35.47 10.05
N VAL A 65 -4.10 -36.79 10.13
CA VAL A 65 -5.03 -37.50 11.02
C VAL A 65 -4.75 -37.18 12.45
N VAL A 66 -3.46 -37.12 12.79
CA VAL A 66 -3.02 -36.71 14.13
C VAL A 66 -3.41 -35.28 14.44
N ALA A 67 -3.28 -34.39 13.45
CA ALA A 67 -3.62 -32.97 13.66
C ALA A 67 -5.09 -32.81 13.92
N ILE A 68 -5.92 -33.59 13.24
CA ILE A 68 -7.35 -33.49 13.47
C ILE A 68 -7.79 -34.11 14.81
N ALA A 69 -7.21 -35.26 15.13
CA ALA A 69 -7.63 -36.03 16.26
C ALA A 69 -7.30 -35.38 17.58
N SER A 70 -6.26 -34.57 17.60
CA SER A 70 -5.65 -34.19 18.85
C SER A 70 -6.18 -32.88 19.48
N HIS A 71 -7.51 -32.78 19.58
CA HIS A 71 -8.19 -31.57 20.10
C HIS A 71 -9.46 -32.03 20.75
N ASP A 72 -10.00 -31.22 21.64
CA ASP A 72 -11.24 -31.55 22.32
C ASP A 72 -12.27 -31.70 21.21
N GLY A 73 -13.09 -32.73 21.29
CA GLY A 73 -14.03 -33.12 20.22
C GLY A 73 -13.40 -33.80 18.99
N GLY A 74 -12.12 -34.18 19.06
CA GLY A 74 -11.43 -34.74 17.89
C GLY A 74 -12.22 -35.83 17.18
N LYS A 75 -12.89 -36.68 17.94
CA LYS A 75 -13.75 -37.67 17.33
C LYS A 75 -14.81 -37.03 16.43
N GLN A 76 -15.42 -35.96 16.88
CA GLN A 76 -16.38 -35.30 15.99
C GLN A 76 -15.77 -34.67 14.74
N ALA A 77 -14.55 -34.15 14.88
CA ALA A 77 -13.85 -33.48 13.78
C ALA A 77 -13.50 -34.51 12.70
N LEU A 78 -13.01 -35.64 13.17
CA LEU A 78 -12.71 -36.76 12.31
C LEU A 78 -13.93 -37.27 11.51
N GLU A 79 -15.04 -37.45 12.23
CA GLU A 79 -16.32 -37.78 11.62
C GLU A 79 -16.70 -36.77 10.54
N THR A 80 -16.55 -35.49 10.87
CA THR A 80 -17.05 -34.41 10.01
C THR A 80 -16.16 -34.17 8.83
N VAL A 81 -14.84 -34.30 9.01
CA VAL A 81 -13.92 -34.26 7.84
C VAL A 81 -14.27 -35.28 6.77
N GLN A 82 -14.57 -36.50 7.20
CA GLN A 82 -14.97 -37.56 6.31
C GLN A 82 -16.20 -37.16 5.53
N ARG A 83 -17.12 -36.45 6.17
CA ARG A 83 -18.34 -36.06 5.50
C ARG A 83 -18.12 -34.87 4.55
N LEU A 84 -17.30 -33.90 4.93
CA LEU A 84 -17.32 -32.61 4.25
C LEU A 84 -16.06 -32.29 3.51
N LEU A 85 -14.99 -33.04 3.70
CA LEU A 85 -13.75 -32.64 2.98
C LEU A 85 -13.96 -32.53 1.46
N PRO A 86 -14.51 -33.60 0.82
CA PRO A 86 -14.73 -33.60 -0.61
C PRO A 86 -15.56 -32.43 -1.13
N VAL A 87 -16.66 -32.12 -0.48
CA VAL A 87 -17.48 -31.03 -0.92
C VAL A 87 -16.78 -29.70 -0.69
N LEU A 88 -16.05 -29.58 0.39
CA LEU A 88 -15.32 -28.34 0.57
C LEU A 88 -14.22 -28.12 -0.47
N CYS A 89 -13.55 -29.20 -0.85
CA CYS A 89 -12.50 -29.05 -1.88
C CYS A 89 -13.14 -28.79 -3.23
N GLN A 90 -14.04 -29.66 -3.64
CA GLN A 90 -14.60 -29.58 -4.97
C GLN A 90 -15.49 -28.37 -5.19
N ALA A 91 -16.46 -28.18 -4.31
CA ALA A 91 -17.48 -27.13 -4.44
C ALA A 91 -16.99 -25.75 -4.02
N HIS A 92 -16.21 -25.68 -2.94
CA HIS A 92 -15.76 -24.40 -2.44
C HIS A 92 -14.31 -24.06 -2.81
N GLY A 93 -13.60 -24.93 -3.52
CA GLY A 93 -12.25 -24.62 -4.01
C GLY A 93 -11.11 -24.71 -2.98
N LEU A 94 -11.38 -25.26 -1.80
CA LEU A 94 -10.31 -25.35 -0.78
C LEU A 94 -9.39 -26.49 -1.11
N THR A 95 -8.21 -26.49 -0.53
CA THR A 95 -7.33 -27.65 -0.66
C THR A 95 -7.54 -28.56 0.53
N PRO A 96 -7.09 -29.84 0.46
CA PRO A 96 -7.18 -30.71 1.60
C PRO A 96 -6.52 -30.15 2.82
N GLN A 97 -5.34 -29.51 2.66
CA GLN A 97 -4.60 -28.93 3.78
C GLN A 97 -5.41 -27.83 4.47
N GLN A 98 -6.11 -26.99 3.72
CA GLN A 98 -6.97 -25.99 4.32
C GLN A 98 -8.13 -26.64 5.15
N VAL A 99 -8.69 -27.72 4.64
CA VAL A 99 -9.78 -28.38 5.35
C VAL A 99 -9.22 -28.92 6.69
N VAL A 100 -8.02 -29.45 6.63
CA VAL A 100 -7.35 -30.01 7.81
C VAL A 100 -7.07 -28.93 8.82
N ALA A 101 -6.60 -27.78 8.35
CA ALA A 101 -6.27 -26.67 9.25
C ALA A 101 -7.55 -26.24 9.92
N ILE A 102 -8.64 -26.13 9.18
CA ILE A 102 -9.94 -25.79 9.82
C ILE A 102 -10.32 -26.81 10.86
N ALA A 103 -10.14 -28.06 10.52
CA ALA A 103 -10.56 -29.15 11.39
C ALA A 103 -9.75 -29.29 12.64
N SER A 104 -8.52 -28.77 12.64
CA SER A 104 -7.55 -29.09 13.66
C SER A 104 -7.54 -28.16 14.87
N HIS A 105 -8.73 -27.96 15.45
CA HIS A 105 -8.88 -27.12 16.63
C HIS A 105 -10.02 -27.70 17.41
N ASP A 106 -10.10 -27.27 18.65
CA ASP A 106 -11.18 -27.68 19.50
C ASP A 106 -12.47 -27.30 18.77
N GLY A 107 -13.45 -28.19 18.78
CA GLY A 107 -14.75 -27.90 18.15
C GLY A 107 -14.63 -27.78 16.66
N GLY A 108 -13.66 -28.49 16.08
CA GLY A 108 -13.41 -28.48 14.63
C GLY A 108 -14.63 -28.78 13.77
N LYS A 109 -15.48 -29.71 14.24
CA LYS A 109 -16.75 -30.02 13.59
C LYS A 109 -17.57 -28.79 13.30
N GLN A 110 -17.73 -27.97 14.30
CA GLN A 110 -18.52 -26.76 14.21
C GLN A 110 -17.96 -25.80 13.18
N ALA A 111 -16.64 -25.68 13.18
CA ALA A 111 -15.96 -24.79 12.25
C ALA A 111 -16.14 -25.28 10.80
N LEU A 112 -15.94 -26.57 10.61
CA LEU A 112 -16.11 -27.16 9.31
C LEU A 112 -17.54 -26.94 8.78
N GLU A 113 -18.55 -27.24 9.59
CA GLU A 113 -19.95 -27.03 9.19
C GLU A 113 -20.26 -25.58 8.93
N THR A 114 -19.67 -24.70 9.70
CA THR A 114 -19.92 -23.30 9.51
C THR A 114 -19.24 -22.75 8.20
N VAL A 115 -18.00 -23.19 7.88
CA VAL A 115 -17.39 -22.75 6.61
C VAL A 115 -18.25 -23.19 5.43
N GLN A 116 -18.64 -24.45 5.41
CA GLN A 116 -19.66 -24.93 4.47
C GLN A 116 -20.88 -24.03 4.30
N ARG A 117 -21.51 -23.66 5.40
CA ARG A 117 -22.70 -22.83 5.38
C ARG A 117 -22.43 -21.39 4.98
N LEU A 118 -21.31 -20.83 5.47
CA LEU A 118 -21.08 -19.39 5.32
C LEU A 118 -20.02 -18.97 4.32
N LEU A 119 -19.12 -19.85 3.91
CA LEU A 119 -18.08 -19.38 2.97
C LEU A 119 -18.65 -18.62 1.76
N PRO A 120 -19.72 -19.11 1.14
CA PRO A 120 -20.21 -18.40 -0.04
C PRO A 120 -20.66 -16.97 0.26
N VAL A 121 -21.43 -16.77 1.31
CA VAL A 121 -21.96 -15.45 1.58
C VAL A 121 -20.83 -14.55 1.99
N LEU A 122 -19.86 -15.11 2.71
CA LEU A 122 -18.75 -14.26 3.13
C LEU A 122 -17.94 -13.76 1.93
N CYS A 123 -17.77 -14.62 0.95
CA CYS A 123 -17.11 -14.24 -0.27
C CYS A 123 -17.97 -13.32 -1.14
N GLN A 124 -19.22 -13.69 -1.40
CA GLN A 124 -20.03 -12.90 -2.35
C GLN A 124 -20.58 -11.63 -1.76
N ALA A 125 -21.18 -11.69 -0.58
CA ALA A 125 -21.73 -10.48 0.02
C ALA A 125 -20.72 -9.60 0.75
N HIS A 126 -19.70 -10.17 1.37
CA HIS A 126 -18.79 -9.30 2.08
C HIS A 126 -17.46 -9.13 1.34
N GLY A 127 -17.26 -9.82 0.22
CA GLY A 127 -16.00 -9.63 -0.54
C GLY A 127 -14.72 -10.30 -0.02
N LEU A 128 -14.81 -11.16 0.99
CA LEU A 128 -13.61 -11.86 1.46
C LEU A 128 -13.14 -12.87 0.44
N THR A 129 -11.88 -13.27 0.53
CA THR A 129 -11.40 -14.40 -0.24
C THR A 129 -11.59 -15.69 0.56
N PRO A 130 -11.62 -16.86 -0.13
CA PRO A 130 -11.60 -18.16 0.57
C PRO A 130 -10.44 -18.30 1.59
N GLU A 131 -9.26 -17.75 1.27
CA GLU A 131 -8.18 -17.80 2.22
C GLU A 131 -8.57 -17.06 3.48
N GLN A 132 -9.20 -15.91 3.33
CA GLN A 132 -9.56 -15.16 4.51
C GLN A 132 -10.56 -15.92 5.39
N VAL A 133 -11.50 -16.60 4.75
CA VAL A 133 -12.49 -17.35 5.48
C VAL A 133 -11.79 -18.48 6.18
N VAL A 134 -10.81 -19.10 5.52
CA VAL A 134 -10.06 -20.18 6.17
C VAL A 134 -9.32 -19.68 7.39
N ALA A 135 -8.68 -18.52 7.26
CA ALA A 135 -7.95 -17.95 8.40
C ALA A 135 -8.92 -17.65 9.51
N ILE A 136 -10.13 -17.20 9.23
CA ILE A 136 -11.04 -16.91 10.36
C ILE A 136 -11.52 -18.25 11.00
N ALA A 137 -11.75 -19.25 10.18
CA ALA A 137 -12.25 -20.54 10.68
C ALA A 137 -11.24 -21.37 11.44
N SER A 138 -9.95 -21.15 11.20
CA SER A 138 -8.89 -22.03 11.70
C SER A 138 -8.36 -21.74 13.10
N HIS A 139 -9.29 -21.54 14.05
CA HIS A 139 -8.97 -21.28 15.45
C HIS A 139 -10.04 -21.93 16.28
N ASP A 140 -9.79 -22.22 17.55
CA ASP A 140 -10.90 -22.64 18.41
C ASP A 140 -12.01 -21.61 18.31
N GLY A 141 -13.27 -22.08 18.35
CA GLY A 141 -14.43 -21.19 18.29
C GLY A 141 -14.62 -20.56 16.91
N GLY A 142 -13.99 -21.14 15.88
CA GLY A 142 -14.06 -20.58 14.49
C GLY A 142 -15.49 -20.42 13.94
N LYS A 143 -16.38 -21.32 14.33
CA LYS A 143 -17.81 -21.10 14.13
C LYS A 143 -18.27 -19.72 14.60
N GLN A 144 -17.95 -19.39 15.85
CA GLN A 144 -18.45 -18.17 16.45
C GLN A 144 -17.89 -16.97 15.70
N ALA A 145 -16.62 -17.08 15.29
CA ALA A 145 -15.94 -15.98 14.64
C ALA A 145 -16.51 -15.71 13.28
N LEU A 146 -16.73 -16.79 12.54
CA LEU A 146 -17.36 -16.74 11.22
C LEU A 146 -18.74 -16.08 11.29
N GLU A 147 -19.60 -16.57 12.19
CA GLU A 147 -20.90 -15.96 12.38
C GLU A 147 -20.83 -14.53 12.85
N THR A 148 -19.80 -14.19 13.65
CA THR A 148 -19.67 -12.80 14.09
C THR A 148 -19.13 -11.87 12.99
N VAL A 149 -18.27 -12.39 12.12
CA VAL A 149 -17.86 -11.58 10.95
C VAL A 149 -19.06 -11.36 10.04
N GLN A 150 -19.83 -12.40 9.81
CA GLN A 150 -21.00 -12.23 9.01
C GLN A 150 -21.90 -11.14 9.59
N ALA A 151 -22.18 -11.16 10.88
CA ALA A 151 -23.11 -10.16 11.46
C ALA A 151 -22.51 -8.74 11.57
N LEU A 152 -21.20 -8.62 11.82
CA LEU A 152 -20.59 -7.34 12.19
C LEU A 152 -19.69 -6.71 11.15
N LEU A 153 -19.27 -7.46 10.14
CA LEU A 153 -18.34 -6.83 9.21
C LEU A 153 -18.91 -5.51 8.59
N PRO A 154 -20.22 -5.48 8.32
CA PRO A 154 -20.76 -4.23 7.73
C PRO A 154 -20.73 -3.00 8.62
N VAL A 155 -21.15 -3.12 9.88
CA VAL A 155 -21.13 -1.96 10.76
C VAL A 155 -19.69 -1.58 11.02
N LEU A 156 -18.80 -2.55 11.16
CA LEU A 156 -17.42 -2.21 11.49
C LEU A 156 -16.75 -1.47 10.36
N CYS A 157 -17.08 -1.82 9.13
CA CYS A 157 -16.57 -1.10 7.99
C CYS A 157 -17.26 0.26 7.86
N GLN A 158 -18.59 0.28 7.83
CA GLN A 158 -19.28 1.50 7.44
C GLN A 158 -19.36 2.52 8.56
N ALA A 159 -19.66 2.09 9.77
CA ALA A 159 -19.80 3.05 10.86
C ALA A 159 -18.49 3.39 11.54
N HIS A 160 -17.58 2.41 11.67
CA HIS A 160 -16.36 2.58 12.43
C HIS A 160 -15.11 2.75 11.57
N GLY A 161 -15.21 2.60 10.25
CA GLY A 161 -14.09 2.96 9.37
C GLY A 161 -13.02 1.89 9.12
N LEU A 162 -13.26 0.65 9.53
CA LEU A 162 -12.21 -0.37 9.35
C LEU A 162 -12.24 -0.91 7.96
N THR A 163 -11.13 -1.46 7.47
CA THR A 163 -11.15 -2.22 6.21
C THR A 163 -11.48 -3.71 6.53
N PRO A 164 -11.96 -4.46 5.51
CA PRO A 164 -12.28 -5.90 5.64
C PRO A 164 -11.08 -6.70 6.12
N GLU A 165 -9.90 -6.30 5.65
CA GLU A 165 -8.66 -6.89 6.10
C GLU A 165 -8.45 -6.72 7.62
N GLN A 166 -8.77 -5.55 8.13
CA GLN A 166 -8.70 -5.30 9.57
C GLN A 166 -9.66 -6.17 10.32
N VAL A 167 -10.87 -6.28 9.81
CA VAL A 167 -11.86 -7.13 10.46
C VAL A 167 -11.38 -8.58 10.48
N VAL A 168 -10.82 -9.02 9.36
CA VAL A 168 -10.30 -10.39 9.26
C VAL A 168 -9.19 -10.64 10.28
N ALA A 169 -8.29 -9.66 10.41
CA ALA A 169 -7.26 -9.76 11.41
C ALA A 169 -7.85 -9.86 12.82
N ILE A 170 -8.86 -9.08 13.15
CA ILE A 170 -9.40 -9.16 14.52
C ILE A 170 -10.10 -10.53 14.75
N ALA A 171 -10.70 -11.04 13.71
CA ALA A 171 -11.44 -12.30 13.76
C ALA A 171 -10.58 -13.53 13.83
N SER A 172 -9.40 -13.45 13.23
CA SER A 172 -8.54 -14.62 13.03
C SER A 172 -7.66 -14.97 14.23
N ASN A 173 -8.26 -15.01 15.40
CA ASN A 173 -7.58 -15.53 16.61
C ASN A 173 -8.66 -16.26 17.37
N GLY A 174 -8.26 -17.15 18.28
CA GLY A 174 -9.17 -17.72 19.22
C GLY A 174 -9.91 -16.62 19.96
N GLY A 175 -11.23 -16.84 20.19
CA GLY A 175 -12.05 -15.85 20.78
C GLY A 175 -12.24 -14.62 19.85
N GLY A 176 -12.18 -14.85 18.52
CA GLY A 176 -12.36 -13.78 17.53
C GLY A 176 -13.71 -13.10 17.71
N LYS A 177 -14.74 -13.90 18.02
CA LYS A 177 -16.09 -13.35 18.30
C LYS A 177 -16.04 -12.22 19.33
N GLN A 178 -15.36 -12.48 20.45
CA GLN A 178 -15.28 -11.58 21.55
C GLN A 178 -14.49 -10.33 21.21
N ALA A 179 -13.40 -10.52 20.45
CA ALA A 179 -12.55 -9.42 20.11
C ALA A 179 -13.33 -8.46 19.20
N LEU A 180 -14.03 -9.03 18.21
CA LEU A 180 -14.89 -8.28 17.32
C LEU A 180 -15.99 -7.49 18.04
N GLU A 181 -16.70 -8.13 18.95
CA GLU A 181 -17.77 -7.41 19.72
C GLU A 181 -17.22 -6.30 20.60
N THR A 182 -16.02 -6.54 21.11
CA THR A 182 -15.44 -5.62 21.99
C THR A 182 -14.92 -4.43 21.18
N VAL A 183 -14.42 -4.65 19.98
CA VAL A 183 -13.97 -3.52 19.15
C VAL A 183 -15.17 -2.67 18.79
N GLN A 184 -16.25 -3.32 18.38
CA GLN A 184 -17.52 -2.64 18.14
C GLN A 184 -17.93 -1.75 19.29
N ARG A 185 -17.84 -2.28 20.51
CA ARG A 185 -18.26 -1.54 21.68
C ARG A 185 -17.29 -0.40 22.04
N LEU A 186 -15.99 -0.62 21.90
CA LEU A 186 -15.03 0.23 22.55
C LEU A 186 -14.20 1.07 21.63
N LEU A 187 -14.26 0.83 20.34
CA LEU A 187 -13.46 1.64 19.40
C LEU A 187 -13.77 3.15 19.51
N PRO A 188 -15.04 3.53 19.57
CA PRO A 188 -15.34 4.95 19.77
C PRO A 188 -14.64 5.53 21.01
N VAL A 189 -14.87 4.96 22.19
CA VAL A 189 -14.32 5.54 23.42
C VAL A 189 -12.79 5.53 23.37
N LEU A 190 -12.21 4.47 22.85
CA LEU A 190 -10.75 4.43 22.85
C LEU A 190 -10.17 5.51 21.95
N CYS A 191 -10.82 5.84 20.85
CA CYS A 191 -10.31 6.90 19.98
C CYS A 191 -10.64 8.32 20.52
N GLN A 192 -11.86 8.47 21.04
CA GLN A 192 -12.30 9.80 21.42
C GLN A 192 -11.89 10.17 22.83
N ALA A 193 -11.91 9.22 23.76
CA ALA A 193 -11.51 9.53 25.12
C ALA A 193 -10.03 9.38 25.30
N HIS A 194 -9.44 8.34 24.75
CA HIS A 194 -8.03 8.09 25.04
C HIS A 194 -7.11 8.49 23.93
N GLY A 195 -7.65 9.04 22.87
CA GLY A 195 -6.82 9.54 21.76
C GLY A 195 -6.16 8.49 20.87
N LEU A 196 -6.60 7.22 20.94
CA LEU A 196 -6.00 6.21 20.09
C LEU A 196 -6.51 6.34 18.66
N THR A 197 -5.74 5.87 17.69
CA THR A 197 -6.26 5.71 16.32
C THR A 197 -7.01 4.37 16.16
N PRO A 198 -7.90 4.29 15.16
CA PRO A 198 -8.47 3.00 14.71
C PRO A 198 -7.46 1.84 14.54
N GLN A 199 -6.39 2.13 13.83
CA GLN A 199 -5.32 1.15 13.63
C GLN A 199 -4.70 0.60 14.94
N GLN A 200 -4.56 1.45 15.95
CA GLN A 200 -4.01 1.02 17.20
C GLN A 200 -5.01 0.10 17.93
N VAL A 201 -6.29 0.43 17.85
CA VAL A 201 -7.32 -0.40 18.42
C VAL A 201 -7.26 -1.78 17.75
N VAL A 202 -7.15 -1.78 16.43
CA VAL A 202 -7.07 -3.00 15.66
C VAL A 202 -5.91 -3.84 16.11
N ALA A 203 -4.75 -3.21 16.24
CA ALA A 203 -3.54 -3.90 16.71
C ALA A 203 -3.75 -4.53 18.09
N ILE A 204 -4.36 -3.81 19.02
CA ILE A 204 -4.61 -4.36 20.35
C ILE A 204 -5.57 -5.57 20.29
N ALA A 205 -6.57 -5.49 19.43
CA ALA A 205 -7.61 -6.49 19.36
C ALA A 205 -7.21 -7.73 18.53
N SER A 206 -6.16 -7.60 17.71
CA SER A 206 -5.80 -8.63 16.78
C SER A 206 -4.86 -9.66 17.32
N ASN A 207 -5.04 -10.08 18.57
CA ASN A 207 -4.30 -11.22 19.13
C ASN A 207 -5.22 -11.96 20.07
N GLY A 208 -4.94 -13.24 20.26
CA GLY A 208 -5.62 -14.00 21.29
C GLY A 208 -5.74 -13.17 22.56
N GLY A 209 -6.94 -13.21 23.16
CA GLY A 209 -7.28 -12.36 24.30
C GLY A 209 -7.53 -10.86 24.00
N GLY A 210 -7.79 -10.51 22.74
CA GLY A 210 -7.99 -9.10 22.33
C GLY A 210 -9.08 -8.38 23.14
N LYS A 211 -10.19 -9.06 23.39
CA LYS A 211 -11.23 -8.50 24.22
C LYS A 211 -10.66 -8.02 25.55
N GLN A 212 -9.87 -8.88 26.18
CA GLN A 212 -9.38 -8.60 27.52
C GLN A 212 -8.41 -7.44 27.44
N ALA A 213 -7.55 -7.45 26.43
CA ALA A 213 -6.56 -6.35 26.26
C ALA A 213 -7.27 -5.07 26.03
N LEU A 214 -8.31 -5.09 25.19
CA LEU A 214 -9.04 -3.85 24.92
C LEU A 214 -9.70 -3.27 26.18
N GLU A 215 -10.35 -4.15 26.97
CA GLU A 215 -11.08 -3.67 28.16
C GLU A 215 -10.09 -3.16 29.16
N THR A 216 -8.94 -3.82 29.21
CA THR A 216 -7.89 -3.43 30.13
C THR A 216 -7.23 -2.13 29.71
N VAL A 217 -7.04 -1.89 28.42
CA VAL A 217 -6.49 -0.58 27.98
C VAL A 217 -7.46 0.53 28.31
N GLN A 218 -8.73 0.26 28.12
CA GLN A 218 -9.73 1.21 28.53
C GLN A 218 -9.59 1.60 30.04
N ARG A 219 -9.42 0.60 30.88
CA ARG A 219 -9.34 0.76 32.33
C ARG A 219 -8.03 1.35 32.80
N LEU A 220 -6.91 0.97 32.20
CA LEU A 220 -5.61 1.30 32.74
C LEU A 220 -4.81 2.35 31.99
N LEU A 221 -5.15 2.66 30.76
CA LEU A 221 -4.47 3.71 29.99
C LEU A 221 -4.34 5.02 30.80
N PRO A 222 -5.44 5.52 31.38
CA PRO A 222 -5.29 6.81 32.10
C PRO A 222 -4.27 6.75 33.23
N VAL A 223 -4.38 5.73 34.08
CA VAL A 223 -3.45 5.55 35.17
C VAL A 223 -2.00 5.47 34.69
N LEU A 224 -1.76 4.63 33.71
CA LEU A 224 -0.40 4.37 33.22
C LEU A 224 0.21 5.62 32.59
N CYS A 225 -0.61 6.40 31.92
CA CYS A 225 -0.14 7.64 31.34
C CYS A 225 0.00 8.74 32.37
N GLN A 226 -1.08 9.06 33.05
CA GLN A 226 -1.16 10.25 33.91
C GLN A 226 -0.54 10.07 35.28
N ALA A 227 -0.38 8.83 35.72
CA ALA A 227 0.28 8.57 36.99
C ALA A 227 1.69 8.03 36.79
N HIS A 228 1.90 7.04 35.93
CA HIS A 228 3.26 6.49 35.81
C HIS A 228 4.05 7.11 34.70
N GLY A 229 3.47 8.04 33.96
CA GLY A 229 4.24 8.74 32.92
C GLY A 229 4.48 8.02 31.58
N LEU A 230 3.88 6.85 31.33
CA LEU A 230 4.03 6.23 30.02
C LEU A 230 3.32 7.07 28.96
N THR A 231 3.75 6.97 27.72
CA THR A 231 2.99 7.55 26.62
C THR A 231 1.87 6.60 26.17
N PRO A 232 0.89 7.11 25.43
CA PRO A 232 -0.10 6.26 24.81
C PRO A 232 0.50 5.16 23.91
N GLN A 233 1.52 5.52 23.13
CA GLN A 233 2.20 4.56 22.26
C GLN A 233 2.73 3.38 23.04
N GLN A 234 3.29 3.66 24.20
CA GLN A 234 3.85 2.63 25.00
C GLN A 234 2.76 1.75 25.57
N VAL A 235 1.61 2.33 25.91
CA VAL A 235 0.50 1.53 26.41
C VAL A 235 -0.03 0.62 25.34
N VAL A 236 -0.17 1.17 24.15
CA VAL A 236 -0.62 0.40 23.01
C VAL A 236 0.31 -0.80 22.75
N ALA A 237 1.61 -0.54 22.70
CA ALA A 237 2.60 -1.59 22.48
C ALA A 237 2.48 -2.70 23.52
N ILE A 238 2.33 -2.33 24.79
CA ILE A 238 2.18 -3.34 25.86
C ILE A 238 0.89 -4.16 25.69
N ALA A 239 -0.18 -3.44 25.40
CA ALA A 239 -1.49 -4.02 25.28
C ALA A 239 -1.51 -4.99 24.12
N SER A 240 -0.91 -4.53 22.99
CA SER A 240 -0.79 -5.29 21.75
C SER A 240 0.03 -6.52 21.86
N ARG A 241 1.12 -6.46 22.62
CA ARG A 241 2.10 -7.53 22.60
C ARG A 241 2.02 -8.42 23.85
N GLY A 242 1.71 -7.84 25.01
CA GLY A 242 1.64 -8.59 26.26
C GLY A 242 0.21 -8.74 26.85
N GLY A 243 -0.77 -8.07 26.24
CA GLY A 243 -2.16 -8.15 26.63
C GLY A 243 -2.50 -7.60 28.02
N LYS A 244 -3.70 -7.96 28.46
CA LYS A 244 -4.23 -7.66 29.76
C LYS A 244 -3.23 -7.90 30.89
N GLN A 245 -2.62 -9.07 30.88
CA GLN A 245 -1.77 -9.50 31.96
C GLN A 245 -0.50 -8.62 32.09
N ALA A 246 0.04 -8.20 30.95
CA ALA A 246 1.22 -7.37 30.97
C ALA A 246 0.84 -5.97 31.41
N LEU A 247 -0.29 -5.49 30.96
CA LEU A 247 -0.74 -4.17 31.44
C LEU A 247 -0.88 -4.17 32.97
N GLU A 248 -1.51 -5.19 33.52
CA GLU A 248 -1.71 -5.23 34.98
C GLU A 248 -0.39 -5.34 35.71
N THR A 249 0.51 -6.12 35.15
CA THR A 249 1.79 -6.33 35.82
C THR A 249 2.67 -5.06 35.74
N VAL A 250 2.55 -4.32 34.66
CA VAL A 250 3.31 -3.08 34.51
C VAL A 250 2.84 -2.10 35.56
N GLN A 251 1.53 -2.01 35.70
CA GLN A 251 0.95 -1.15 36.70
C GLN A 251 1.47 -1.47 38.11
N ARG A 252 1.63 -2.75 38.41
CA ARG A 252 2.12 -3.17 39.69
C ARG A 252 3.64 -3.02 39.83
N LEU A 253 4.42 -3.33 38.79
CA LEU A 253 5.86 -3.48 38.96
C LEU A 253 6.68 -2.33 38.46
N LEU A 254 6.12 -1.43 37.65
CA LEU A 254 6.88 -0.24 37.19
C LEU A 254 7.59 0.49 38.35
N PRO A 255 6.83 0.82 39.42
CA PRO A 255 7.48 1.53 40.54
C PRO A 255 8.65 0.76 41.11
N VAL A 256 8.47 -0.53 41.38
CA VAL A 256 9.50 -1.30 42.02
C VAL A 256 10.69 -1.47 41.09
N LEU A 257 10.42 -1.83 39.84
CA LEU A 257 11.50 -2.08 38.89
C LEU A 257 12.35 -0.86 38.60
N CYS A 258 11.71 0.31 38.51
CA CYS A 258 12.45 1.52 38.28
C CYS A 258 13.19 2.03 39.52
N GLN A 259 12.47 2.23 40.62
CA GLN A 259 13.07 2.81 41.82
C GLN A 259 14.02 1.87 42.54
N ALA A 260 13.56 0.67 42.87
CA ALA A 260 14.44 -0.27 43.57
C ALA A 260 15.56 -0.83 42.66
N HIS A 261 15.20 -1.45 41.53
CA HIS A 261 16.17 -2.18 40.68
C HIS A 261 16.93 -1.29 39.68
N GLY A 262 16.46 -0.07 39.46
CA GLY A 262 17.15 0.87 38.59
C GLY A 262 16.89 0.84 37.10
N LEU A 263 15.83 0.14 36.66
CA LEU A 263 15.49 0.10 35.24
C LEU A 263 14.85 1.41 34.76
N THR A 264 15.00 1.69 33.46
CA THR A 264 14.22 2.75 32.77
C THR A 264 12.79 2.24 32.54
N PRO A 265 11.80 3.17 32.50
CA PRO A 265 10.48 2.89 31.94
C PRO A 265 10.55 2.19 30.59
N GLN A 266 11.38 2.69 29.67
CA GLN A 266 11.59 2.05 28.37
C GLN A 266 11.89 0.55 28.52
N GLN A 267 12.79 0.23 29.44
CA GLN A 267 13.20 -1.13 29.64
C GLN A 267 12.07 -1.95 30.20
N VAL A 268 11.26 -1.37 31.10
CA VAL A 268 10.11 -2.11 31.63
C VAL A 268 9.09 -2.36 30.57
N VAL A 269 8.86 -1.35 29.75
CA VAL A 269 7.96 -1.47 28.61
C VAL A 269 8.47 -2.56 27.67
N ALA A 270 9.76 -2.56 27.35
CA ALA A 270 10.28 -3.56 26.41
C ALA A 270 10.11 -4.99 26.97
N ILE A 271 10.30 -5.18 28.25
CA ILE A 271 10.08 -6.52 28.82
C ILE A 271 8.58 -6.88 28.80
N ALA A 272 7.73 -5.88 29.01
CA ALA A 272 6.29 -6.11 29.11
C ALA A 272 5.72 -6.47 27.75
N SER A 273 6.35 -6.00 26.67
CA SER A 273 5.74 -6.06 25.31
C SER A 273 6.06 -7.29 24.50
N ASN A 274 5.57 -8.42 25.00
CA ASN A 274 5.73 -9.73 24.38
C ASN A 274 4.68 -10.66 24.98
N ASN A 275 4.34 -11.74 24.29
CA ASN A 275 3.54 -12.81 24.91
C ASN A 275 4.25 -13.23 26.21
N GLY A 276 3.50 -13.40 27.30
CA GLY A 276 4.11 -13.70 28.59
C GLY A 276 4.86 -12.54 29.30
N GLY A 277 4.69 -11.30 28.83
CA GLY A 277 5.34 -10.16 29.50
C GLY A 277 5.16 -10.14 31.02
N LYS A 278 3.99 -10.53 31.49
CA LYS A 278 3.74 -10.64 32.94
C LYS A 278 4.79 -11.55 33.58
N GLN A 279 5.00 -12.70 32.98
CA GLN A 279 5.94 -13.67 33.46
C GLN A 279 7.39 -13.13 33.38
N ALA A 280 7.74 -12.52 32.26
CA ALA A 280 9.05 -11.86 32.12
C ALA A 280 9.28 -10.78 33.16
N LEU A 281 8.27 -9.97 33.41
CA LEU A 281 8.44 -8.91 34.40
C LEU A 281 8.69 -9.46 35.78
N GLU A 282 7.87 -10.43 36.17
CA GLU A 282 7.97 -11.04 37.46
C GLU A 282 9.26 -11.81 37.61
N THR A 283 9.76 -12.36 36.53
CA THR A 283 11.00 -13.10 36.58
C THR A 283 12.22 -12.13 36.60
N VAL A 284 12.21 -11.00 35.89
CA VAL A 284 13.37 -10.13 36.07
C VAL A 284 13.38 -9.53 37.50
N GLN A 285 12.21 -9.26 38.06
CA GLN A 285 12.18 -8.70 39.38
C GLN A 285 12.78 -9.69 40.35
N ARG A 286 12.52 -10.97 40.18
CA ARG A 286 13.07 -11.97 41.06
C ARG A 286 14.55 -12.13 40.85
N LEU A 287 14.98 -12.09 39.59
CA LEU A 287 16.28 -12.67 39.22
C LEU A 287 17.33 -11.64 38.88
N LEU A 288 16.94 -10.40 38.75
CA LEU A 288 17.89 -9.37 38.43
C LEU A 288 19.06 -9.30 39.46
N PRO A 289 18.76 -9.27 40.77
CA PRO A 289 19.83 -9.41 41.77
C PRO A 289 20.81 -10.58 41.53
N VAL A 290 20.34 -11.82 41.50
CA VAL A 290 21.24 -12.97 41.39
C VAL A 290 22.01 -13.00 40.07
N LEU A 291 21.39 -12.50 39.01
CA LEU A 291 22.01 -12.54 37.70
C LEU A 291 23.14 -11.53 37.57
N CYS A 292 22.94 -10.34 38.13
CA CYS A 292 23.93 -9.26 38.04
C CYS A 292 25.15 -9.28 39.00
N GLN A 293 24.90 -9.65 40.25
CA GLN A 293 26.00 -9.92 41.17
C GLN A 293 26.12 -11.46 41.09
N ALA A 294 26.80 -12.13 42.01
CA ALA A 294 26.99 -13.58 41.88
C ALA A 294 27.51 -13.84 40.45
N HIS A 295 28.66 -13.17 40.22
CA HIS A 295 29.28 -12.95 38.90
C HIS A 295 28.22 -12.51 37.83
N GLY A 296 28.02 -13.26 36.75
CA GLY A 296 26.97 -12.95 35.81
C GLY A 296 27.10 -11.63 35.03
N LEU A 297 25.99 -10.89 34.96
CA LEU A 297 25.76 -9.97 33.88
C LEU A 297 25.39 -8.55 34.22
N THR A 298 25.30 -7.72 33.19
CA THR A 298 24.78 -6.39 33.37
C THR A 298 23.24 -6.44 33.29
N PRO A 299 22.55 -5.51 33.97
CA PRO A 299 21.12 -5.26 33.77
C PRO A 299 20.71 -5.21 32.31
N GLN A 300 21.48 -4.51 31.48
CA GLN A 300 21.24 -4.46 30.03
C GLN A 300 21.17 -5.86 29.39
N GLN A 301 22.08 -6.74 29.77
CA GLN A 301 22.02 -8.13 29.27
C GLN A 301 20.78 -8.90 29.77
N VAL A 302 20.35 -8.63 31.00
CA VAL A 302 19.22 -9.33 31.61
C VAL A 302 17.94 -8.83 30.91
N VAL A 303 17.88 -7.51 30.72
CA VAL A 303 16.82 -6.86 29.95
C VAL A 303 16.73 -7.40 28.53
N ALA A 304 17.87 -7.56 27.85
CA ALA A 304 17.82 -8.12 26.51
C ALA A 304 17.27 -9.55 26.54
N ILE A 305 17.67 -10.38 27.51
CA ILE A 305 17.19 -11.79 27.56
C ILE A 305 15.69 -11.89 27.85
N ALA A 306 15.24 -10.98 28.70
CA ALA A 306 13.85 -10.92 29.09
C ALA A 306 12.93 -10.40 28.00
N SER A 307 13.48 -9.71 27.02
CA SER A 307 12.69 -8.92 26.08
C SER A 307 12.32 -9.65 24.82
N HIS A 308 11.91 -10.92 25.00
CA HIS A 308 11.47 -11.76 23.91
C HIS A 308 10.35 -12.62 24.46
N ASP A 309 9.52 -13.18 23.59
CA ASP A 309 8.50 -14.11 24.04
C ASP A 309 9.23 -15.20 24.82
N GLY A 310 8.61 -15.70 25.89
CA GLY A 310 9.22 -16.70 26.75
C GLY A 310 10.44 -16.19 27.52
N GLY A 311 10.59 -14.87 27.65
CA GLY A 311 11.59 -14.23 28.48
C GLY A 311 11.81 -14.95 29.82
N LYS A 312 10.73 -15.34 30.51
CA LYS A 312 10.82 -16.03 31.76
C LYS A 312 11.64 -17.28 31.58
N GLN A 313 11.27 -18.07 30.58
CA GLN A 313 11.98 -19.33 30.33
C GLN A 313 13.47 -19.12 29.97
N ALA A 314 13.77 -18.10 29.18
CA ALA A 314 15.13 -17.81 28.77
C ALA A 314 15.95 -17.42 30.00
N LEU A 315 15.44 -16.47 30.81
CA LEU A 315 16.11 -16.04 32.05
C LEU A 315 16.37 -17.22 32.96
N GLU A 316 15.37 -18.04 33.20
CA GLU A 316 15.55 -19.18 34.06
C GLU A 316 16.55 -20.14 33.51
N THR A 317 16.55 -20.37 32.20
CA THR A 317 17.49 -21.33 31.63
C THR A 317 18.93 -20.78 31.65
N VAL A 318 19.06 -19.50 31.39
CA VAL A 318 20.34 -18.84 31.57
C VAL A 318 20.83 -18.97 33.01
N GLN A 319 19.96 -18.78 33.99
CA GLN A 319 20.34 -18.99 35.39
C GLN A 319 20.90 -20.39 35.63
N ARG A 320 20.27 -21.39 35.03
CA ARG A 320 20.65 -22.76 35.28
C ARG A 320 21.91 -23.15 34.50
N LEU A 321 22.02 -22.69 33.25
CA LEU A 321 23.01 -23.26 32.34
C LEU A 321 24.26 -22.41 32.10
N LEU A 322 24.19 -21.12 32.38
CA LEU A 322 25.37 -20.28 32.16
C LEU A 322 26.68 -20.83 32.80
N PRO A 323 26.59 -21.36 34.04
CA PRO A 323 27.77 -21.99 34.63
C PRO A 323 28.34 -23.17 33.85
N VAL A 324 27.48 -24.09 33.45
CA VAL A 324 27.95 -25.34 32.81
C VAL A 324 28.40 -25.05 31.36
N LEU A 325 27.83 -24.03 30.74
CA LEU A 325 28.16 -23.69 29.36
C LEU A 325 29.48 -22.98 29.29
N CYS A 326 29.74 -22.09 30.23
CA CYS A 326 31.03 -21.41 30.29
C CYS A 326 32.12 -22.37 30.79
N GLN A 327 31.93 -22.92 31.97
CA GLN A 327 32.94 -23.79 32.59
C GLN A 327 33.23 -25.08 31.80
N ALA A 328 32.22 -25.92 31.57
CA ALA A 328 32.44 -27.21 30.90
C ALA A 328 32.58 -27.14 29.37
N HIS A 329 31.85 -26.23 28.72
CA HIS A 329 31.86 -26.16 27.25
C HIS A 329 32.73 -25.03 26.71
N GLY A 330 33.17 -24.11 27.56
CA GLY A 330 34.13 -23.08 27.15
C GLY A 330 33.57 -21.81 26.51
N LEU A 331 32.28 -21.53 26.67
CA LEU A 331 31.70 -20.33 26.07
C LEU A 331 31.91 -19.15 26.98
N THR A 332 31.81 -17.95 26.43
CA THR A 332 31.79 -16.76 27.24
C THR A 332 30.34 -16.44 27.65
N PRO A 333 30.16 -15.62 28.68
CA PRO A 333 28.85 -15.09 29.05
C PRO A 333 28.18 -14.43 27.87
N GLN A 334 28.93 -13.58 27.17
CA GLN A 334 28.43 -12.82 26.02
C GLN A 334 27.81 -13.74 24.96
N GLN A 335 28.42 -14.91 24.74
CA GLN A 335 27.87 -15.85 23.77
C GLN A 335 26.57 -16.49 24.33
N VAL A 336 26.56 -16.76 25.62
CA VAL A 336 25.37 -17.33 26.23
C VAL A 336 24.21 -16.36 26.12
N VAL A 337 24.50 -15.07 26.34
CA VAL A 337 23.50 -14.02 26.26
C VAL A 337 22.97 -13.91 24.83
N ALA A 338 23.85 -14.03 23.83
CA ALA A 338 23.39 -13.99 22.42
C ALA A 338 22.47 -15.19 22.10
N ILE A 339 22.81 -16.36 22.56
CA ILE A 339 22.03 -17.53 22.30
C ILE A 339 20.66 -17.41 23.02
N ALA A 340 20.67 -16.79 24.20
CA ALA A 340 19.46 -16.68 25.00
C ALA A 340 18.51 -15.58 24.52
N SER A 341 19.05 -14.56 23.84
CA SER A 341 18.28 -13.33 23.48
C SER A 341 17.53 -13.41 22.17
N ASN A 342 16.79 -14.49 21.99
CA ASN A 342 15.80 -14.62 20.90
C ASN A 342 14.57 -15.35 21.42
N ASN A 343 13.46 -15.32 20.68
CA ASN A 343 12.34 -16.22 21.04
C ASN A 343 12.88 -17.62 21.13
N GLY A 344 12.35 -18.41 22.06
CA GLY A 344 12.82 -19.77 22.26
C GLY A 344 14.25 -19.85 22.80
N GLY A 345 14.70 -18.81 23.50
CA GLY A 345 16.04 -18.80 24.11
C GLY A 345 16.29 -20.08 24.91
N LYS A 346 15.32 -20.49 25.72
CA LYS A 346 15.43 -21.68 26.53
C LYS A 346 15.81 -22.84 25.68
N GLN A 347 15.09 -22.95 24.57
CA GLN A 347 15.26 -24.09 23.68
C GLN A 347 16.68 -24.07 23.04
N ALA A 348 17.11 -22.91 22.56
CA ALA A 348 18.43 -22.76 21.94
C ALA A 348 19.57 -23.13 22.91
N LEU A 349 19.49 -22.62 24.13
CA LEU A 349 20.41 -22.99 25.20
C LEU A 349 20.43 -24.47 25.47
N GLU A 350 19.29 -25.05 25.72
CA GLU A 350 19.27 -26.48 25.96
C GLU A 350 19.83 -27.26 24.76
N THR A 351 19.51 -26.86 23.54
CA THR A 351 19.95 -27.63 22.38
C THR A 351 21.47 -27.43 22.14
N VAL A 352 22.00 -26.24 22.44
CA VAL A 352 23.45 -26.04 22.32
C VAL A 352 24.16 -26.93 23.30
N GLN A 353 23.59 -27.08 24.49
CA GLN A 353 24.13 -27.93 25.53
C GLN A 353 24.35 -29.37 25.06
N ARG A 354 23.37 -29.99 24.44
CA ARG A 354 23.56 -31.38 24.08
C ARG A 354 24.12 -31.58 22.68
N LEU A 355 24.25 -30.52 21.89
CA LEU A 355 24.63 -30.69 20.49
C LEU A 355 25.98 -30.14 20.09
N LEU A 356 26.46 -29.14 20.82
CA LEU A 356 27.80 -28.60 20.65
C LEU A 356 28.86 -29.68 20.44
N PRO A 357 28.88 -30.72 21.29
CA PRO A 357 29.91 -31.78 21.10
C PRO A 357 29.61 -32.74 19.94
N VAL A 358 28.35 -32.99 19.65
CA VAL A 358 28.00 -33.85 18.53
C VAL A 358 28.32 -33.18 17.19
N LEU A 359 28.14 -31.87 17.15
CA LEU A 359 28.26 -31.12 15.89
C LEU A 359 29.73 -30.90 15.53
N CYS A 360 30.54 -30.60 16.52
CA CYS A 360 31.95 -30.50 16.30
C CYS A 360 32.51 -31.89 15.93
N GLN A 361 32.28 -32.88 16.79
CA GLN A 361 32.88 -34.20 16.59
C GLN A 361 32.32 -34.96 15.39
N ALA A 362 31.04 -35.17 15.33
CA ALA A 362 30.51 -35.98 14.25
C ALA A 362 30.38 -35.26 12.91
N HIS A 363 30.48 -33.93 12.88
CA HIS A 363 30.34 -33.20 11.60
C HIS A 363 31.43 -32.19 11.29
N GLY A 364 32.40 -32.01 12.18
CA GLY A 364 33.53 -31.13 11.93
C GLY A 364 33.31 -29.63 12.07
N LEU A 365 32.29 -29.23 12.81
CA LEU A 365 32.07 -27.81 12.97
C LEU A 365 32.85 -27.31 14.15
N THR A 366 33.14 -26.02 14.14
CA THR A 366 33.80 -25.42 15.27
C THR A 366 32.73 -24.94 16.24
N PRO A 367 33.11 -24.73 17.51
CA PRO A 367 32.22 -24.10 18.47
C PRO A 367 31.66 -22.75 18.02
N GLU A 368 32.48 -21.93 17.33
CA GLU A 368 32.04 -20.60 16.93
C GLU A 368 30.88 -20.74 15.93
N GLN A 369 30.97 -21.72 15.05
CA GLN A 369 29.96 -21.96 14.06
C GLN A 369 28.65 -22.42 14.76
N VAL A 370 28.76 -23.15 15.86
CA VAL A 370 27.60 -23.67 16.57
C VAL A 370 26.89 -22.53 17.28
N VAL A 371 27.68 -21.64 17.86
CA VAL A 371 27.16 -20.44 18.48
C VAL A 371 26.38 -19.59 17.46
N ALA A 372 26.97 -19.40 16.29
CA ALA A 372 26.34 -18.60 15.25
C ALA A 372 24.97 -19.20 14.86
N ILE A 373 24.91 -20.52 14.73
CA ILE A 373 23.65 -21.18 14.33
C ILE A 373 22.61 -20.97 15.43
N ALA A 374 23.07 -21.08 16.67
CA ALA A 374 22.20 -21.03 17.84
C ALA A 374 21.78 -19.63 18.22
N SER A 375 22.45 -18.63 17.70
CA SER A 375 22.21 -17.24 18.10
C SER A 375 21.13 -16.52 17.30
N ASN A 376 20.27 -17.26 16.61
CA ASN A 376 19.09 -16.71 15.99
C ASN A 376 17.87 -17.37 16.56
N GLY A 377 16.73 -16.73 16.32
CA GLY A 377 15.47 -17.29 16.70
C GLY A 377 15.31 -18.63 16.00
N GLY A 378 14.89 -19.62 16.77
CA GLY A 378 14.70 -20.96 16.26
C GLY A 378 15.99 -21.70 16.27
N GLY A 379 16.95 -21.23 17.04
CA GLY A 379 18.26 -21.86 17.07
C GLY A 379 18.18 -23.36 17.23
N LYS A 380 17.32 -23.80 18.13
CA LYS A 380 17.12 -25.24 18.35
C LYS A 380 16.86 -25.96 17.09
N GLN A 381 15.92 -25.41 16.33
CA GLN A 381 15.52 -26.02 15.05
C GLN A 381 16.64 -26.04 14.02
N ALA A 382 17.32 -24.90 13.85
CA ALA A 382 18.45 -24.83 12.92
C ALA A 382 19.52 -25.83 13.32
N LEU A 383 19.87 -25.89 14.60
CA LEU A 383 20.91 -26.87 15.02
C LEU A 383 20.55 -28.30 14.68
N GLU A 384 19.28 -28.67 14.91
CA GLU A 384 18.84 -30.06 14.69
C GLU A 384 18.77 -30.36 13.19
N THR A 385 18.56 -29.32 12.42
CA THR A 385 18.49 -29.50 10.98
C THR A 385 19.89 -29.58 10.37
N VAL A 386 20.84 -28.81 10.90
CA VAL A 386 22.21 -28.95 10.43
C VAL A 386 22.72 -30.36 10.75
N GLN A 387 22.47 -30.81 11.97
CA GLN A 387 22.84 -32.17 12.38
C GLN A 387 22.27 -33.17 11.41
N ARG A 388 21.00 -33.03 11.05
CA ARG A 388 20.36 -34.02 10.16
C ARG A 388 20.79 -33.86 8.67
N LEU A 389 20.94 -32.64 8.21
CA LEU A 389 21.04 -32.38 6.76
C LEU A 389 22.45 -32.09 6.21
N LEU A 390 23.39 -31.77 7.08
CA LEU A 390 24.75 -31.44 6.67
C LEU A 390 25.39 -32.57 5.84
N PRO A 391 25.28 -33.84 6.30
CA PRO A 391 25.74 -34.95 5.44
C PRO A 391 25.24 -34.89 3.97
N VAL A 392 23.95 -34.82 3.79
CA VAL A 392 23.37 -34.96 2.49
C VAL A 392 23.59 -33.73 1.65
N LEU A 393 23.55 -32.55 2.28
CA LEU A 393 23.79 -31.31 1.56
C LEU A 393 25.22 -31.21 1.00
N CYS A 394 26.18 -31.70 1.77
CA CYS A 394 27.56 -31.69 1.29
C CYS A 394 27.86 -32.78 0.24
N GLN A 395 27.46 -34.01 0.54
CA GLN A 395 27.87 -35.16 -0.28
C GLN A 395 27.01 -35.44 -1.49
N ALA A 396 25.75 -35.04 -1.49
CA ALA A 396 24.87 -35.28 -2.62
C ALA A 396 24.76 -34.00 -3.45
N HIS A 397 24.44 -32.91 -2.80
CA HIS A 397 24.26 -31.63 -3.49
C HIS A 397 25.58 -30.89 -3.64
N GLY A 398 26.63 -31.33 -2.98
CA GLY A 398 27.98 -30.79 -3.23
C GLY A 398 28.32 -29.47 -2.60
N LEU A 399 27.61 -29.08 -1.55
CA LEU A 399 27.91 -27.83 -0.87
C LEU A 399 29.02 -28.04 0.14
N THR A 400 29.66 -26.97 0.56
CA THR A 400 30.65 -27.02 1.66
C THR A 400 30.00 -26.85 3.05
N PRO A 401 30.65 -27.37 4.10
CA PRO A 401 30.12 -27.07 5.44
C PRO A 401 29.89 -25.56 5.71
N GLU A 402 30.76 -24.68 5.24
CA GLU A 402 30.63 -23.24 5.50
C GLU A 402 29.36 -22.67 4.87
N GLN A 403 29.01 -23.19 3.70
CA GLN A 403 27.78 -22.85 2.97
C GLN A 403 26.53 -23.28 3.75
N VAL A 404 26.56 -24.50 4.30
CA VAL A 404 25.47 -25.04 5.13
C VAL A 404 25.27 -24.19 6.37
N VAL A 405 26.39 -23.86 7.02
CA VAL A 405 26.42 -23.00 8.20
C VAL A 405 25.88 -21.59 7.86
N ALA A 406 26.23 -21.03 6.70
CA ALA A 406 25.69 -19.70 6.30
C ALA A 406 24.14 -19.78 6.19
N ILE A 407 23.62 -20.79 5.52
CA ILE A 407 22.17 -20.92 5.36
C ILE A 407 21.48 -21.06 6.75
N ALA A 408 22.08 -21.84 7.64
CA ALA A 408 21.51 -22.12 8.95
C ALA A 408 21.57 -20.97 9.90
N SER A 409 22.42 -19.97 9.63
CA SER A 409 22.71 -18.90 10.61
C SER A 409 21.84 -17.64 10.40
N HIS A 410 20.58 -17.84 10.11
CA HIS A 410 19.57 -16.78 10.10
C HIS A 410 18.32 -17.34 10.72
N ASP A 411 17.45 -16.47 11.19
CA ASP A 411 16.15 -16.91 11.64
C ASP A 411 15.52 -17.76 10.53
N GLY A 412 14.91 -18.90 10.91
CA GLY A 412 14.25 -19.78 9.93
C GLY A 412 15.27 -20.63 9.18
N GLY A 413 16.45 -20.78 9.77
CA GLY A 413 17.49 -21.55 9.13
C GLY A 413 17.02 -22.93 8.73
N LYS A 414 16.32 -23.62 9.64
CA LYS A 414 15.74 -24.93 9.32
C LYS A 414 14.93 -24.90 8.03
N GLN A 415 14.08 -23.89 7.90
CA GLN A 415 13.22 -23.80 6.74
C GLN A 415 14.10 -23.57 5.50
N ALA A 416 15.10 -22.70 5.59
CA ALA A 416 15.95 -22.43 4.42
C ALA A 416 16.74 -23.69 4.02
N LEU A 417 17.29 -24.42 4.99
CA LEU A 417 18.00 -25.67 4.70
C LEU A 417 17.14 -26.70 4.01
N GLU A 418 15.95 -26.94 4.53
CA GLU A 418 15.04 -27.88 3.91
C GLU A 418 14.56 -27.40 2.55
N THR A 419 14.41 -26.11 2.37
CA THR A 419 14.04 -25.66 1.04
C THR A 419 15.20 -25.90 0.05
N VAL A 420 16.43 -25.68 0.50
CA VAL A 420 17.55 -25.86 -0.38
C VAL A 420 17.62 -27.29 -0.79
N GLN A 421 17.52 -28.21 0.17
CA GLN A 421 17.48 -29.63 -0.17
C GLN A 421 16.46 -29.93 -1.24
N ARG A 422 15.25 -29.43 -1.05
CA ARG A 422 14.14 -29.68 -1.99
C ARG A 422 14.41 -29.08 -3.38
N LEU A 423 14.95 -27.87 -3.43
CA LEU A 423 14.88 -27.06 -4.64
C LEU A 423 16.19 -26.84 -5.37
N LEU A 424 17.30 -27.22 -4.75
CA LEU A 424 18.61 -27.04 -5.36
C LEU A 424 18.75 -27.80 -6.69
N PRO A 425 18.29 -29.07 -6.74
CA PRO A 425 18.40 -29.79 -8.00
C PRO A 425 17.69 -29.12 -9.19
N VAL A 426 16.43 -28.74 -9.00
CA VAL A 426 15.66 -28.08 -10.05
C VAL A 426 16.19 -26.68 -10.40
N LEU A 427 16.71 -25.97 -9.40
CA LEU A 427 17.24 -24.64 -9.65
C LEU A 427 18.52 -24.70 -10.48
N CYS A 428 19.34 -25.71 -10.21
CA CYS A 428 20.63 -25.79 -10.87
C CYS A 428 20.47 -26.42 -12.25
N GLN A 429 20.00 -27.66 -12.24
CA GLN A 429 19.96 -28.50 -13.44
C GLN A 429 18.95 -28.03 -14.47
N ALA A 430 17.77 -27.63 -14.03
CA ALA A 430 16.74 -27.19 -14.95
C ALA A 430 16.83 -25.70 -15.33
N HIS A 431 17.26 -24.81 -14.42
CA HIS A 431 17.22 -23.36 -14.71
C HIS A 431 18.57 -22.67 -14.78
N GLY A 432 19.65 -23.38 -14.54
CA GLY A 432 20.97 -22.84 -14.82
C GLY A 432 21.56 -21.96 -13.73
N LEU A 433 20.89 -21.85 -12.59
CA LEU A 433 21.48 -21.21 -11.42
C LEU A 433 22.67 -22.00 -10.92
N THR A 434 23.69 -21.33 -10.40
CA THR A 434 24.78 -22.02 -9.68
C THR A 434 24.38 -22.36 -8.25
N PRO A 435 25.08 -23.36 -7.65
CA PRO A 435 24.91 -23.60 -6.21
C PRO A 435 25.13 -22.33 -5.39
N GLN A 436 26.12 -21.54 -5.76
CA GLN A 436 26.45 -20.34 -5.01
C GLN A 436 25.29 -19.34 -5.03
N GLN A 437 24.58 -19.25 -6.14
CA GLN A 437 23.43 -18.32 -6.24
C GLN A 437 22.26 -18.84 -5.35
N VAL A 438 22.05 -20.15 -5.31
CA VAL A 438 20.99 -20.68 -4.49
C VAL A 438 21.36 -20.43 -3.04
N VAL A 439 22.65 -20.57 -2.70
CA VAL A 439 23.13 -20.37 -1.31
C VAL A 439 22.91 -18.92 -0.87
N ALA A 440 23.20 -17.99 -1.79
CA ALA A 440 23.09 -16.57 -1.54
C ALA A 440 21.62 -16.16 -1.33
N ILE A 441 20.70 -16.75 -2.09
CA ILE A 441 19.28 -16.48 -1.89
C ILE A 441 18.88 -17.06 -0.53
N ALA A 442 19.28 -18.31 -0.26
CA ALA A 442 18.95 -18.99 0.99
C ALA A 442 19.53 -18.33 2.24
N SER A 443 20.65 -17.61 2.13
CA SER A 443 21.37 -17.13 3.33
C SER A 443 20.91 -15.72 3.80
N ASN A 444 19.62 -15.61 4.04
CA ASN A 444 19.01 -14.42 4.52
C ASN A 444 17.83 -14.87 5.33
N GLY A 445 17.36 -14.00 6.21
CA GLY A 445 16.04 -14.20 6.78
C GLY A 445 15.08 -14.26 5.63
N GLY A 446 14.08 -15.14 5.73
CA GLY A 446 13.11 -15.38 4.66
C GLY A 446 13.66 -16.19 3.46
N GLY A 447 14.73 -16.93 3.71
CA GLY A 447 15.31 -17.78 2.69
C GLY A 447 14.29 -18.71 2.06
N ARG A 448 13.50 -19.42 2.87
CA ARG A 448 12.60 -20.40 2.27
C ARG A 448 11.65 -19.75 1.27
N PRO A 449 10.87 -18.77 1.71
CA PRO A 449 9.93 -18.14 0.79
C PRO A 449 10.61 -17.51 -0.41
N ALA A 450 11.85 -17.04 -0.28
CA ALA A 450 12.53 -16.46 -1.43
C ALA A 450 12.92 -17.55 -2.43
N LEU A 451 13.41 -18.68 -1.97
CA LEU A 451 13.67 -19.80 -2.88
C LEU A 451 12.39 -20.29 -3.56
N GLU A 452 11.31 -20.43 -2.80
CA GLU A 452 10.03 -20.90 -3.37
C GLU A 452 9.43 -19.89 -4.36
N SER A 453 9.51 -18.61 -4.04
CA SER A 453 9.03 -17.56 -4.97
C SER A 453 9.85 -17.52 -6.32
N ILE A 454 11.17 -17.75 -6.24
CA ILE A 454 12.02 -17.75 -7.43
C ILE A 454 11.75 -19.01 -8.28
N VAL A 455 11.58 -20.15 -7.66
CA VAL A 455 11.20 -21.35 -8.42
C VAL A 455 9.83 -21.21 -9.05
N ALA A 456 8.88 -20.64 -8.33
CA ALA A 456 7.55 -20.44 -8.90
C ALA A 456 7.61 -19.57 -10.16
N GLN A 457 8.34 -18.47 -10.10
CA GLN A 457 8.47 -17.61 -11.26
C GLN A 457 9.28 -18.29 -12.39
N LEU A 458 10.34 -19.05 -12.04
CA LEU A 458 11.15 -19.72 -13.08
C LEU A 458 10.38 -20.82 -13.80
N SER A 459 9.57 -21.56 -13.06
CA SER A 459 8.85 -22.72 -13.62
C SER A 459 7.57 -22.45 -14.40
N ARG A 460 6.85 -21.40 -14.05
CA ARG A 460 5.70 -21.00 -14.84
C ARG A 460 6.05 -20.07 -15.98
N PRO A 461 7.34 -19.91 -16.30
CA PRO A 461 7.63 -18.49 -16.12
C PRO A 461 6.49 -17.52 -16.35
N ASP A 462 5.78 -17.18 -15.27
CA ASP A 462 4.61 -16.28 -15.31
C ASP A 462 4.93 -14.90 -15.99
N PRO A 463 4.04 -13.89 -15.84
CA PRO A 463 3.52 -13.28 -17.07
C PRO A 463 4.60 -12.95 -18.09
N ALA A 464 5.19 -13.99 -18.68
CA ALA A 464 6.30 -13.87 -19.63
C ALA A 464 6.80 -12.43 -19.74
N LEU A 465 7.27 -11.87 -18.62
CA LEU A 465 8.00 -10.60 -18.69
C LEU A 465 9.46 -10.79 -18.38
N ALA A 466 10.16 -11.18 -19.43
CA ALA A 466 11.45 -11.83 -19.35
C ALA A 466 12.57 -10.86 -19.30
N ALA A 467 12.26 -9.56 -19.27
CA ALA A 467 13.26 -8.52 -19.10
C ALA A 467 13.98 -8.76 -17.77
N LEU A 468 13.29 -9.38 -16.80
CA LEU A 468 13.96 -9.89 -15.61
C LEU A 468 14.54 -11.26 -15.95
N THR A 469 15.79 -11.24 -16.38
CA THR A 469 16.48 -12.46 -16.70
C THR A 469 16.85 -13.15 -15.38
N ASN A 470 17.43 -14.36 -15.44
CA ASN A 470 17.55 -15.22 -14.26
C ASN A 470 18.42 -14.54 -13.22
N ASP A 471 19.54 -13.96 -13.69
CA ASP A 471 20.46 -13.28 -12.81
C ASP A 471 19.81 -12.05 -12.13
N HIS A 472 18.90 -11.35 -12.81
CA HIS A 472 18.22 -10.22 -12.18
C HIS A 472 17.28 -10.72 -11.06
N LEU A 473 16.51 -11.75 -11.35
CA LEU A 473 15.66 -12.36 -10.32
C LEU A 473 16.47 -12.85 -9.12
N VAL A 474 17.65 -13.43 -9.36
CA VAL A 474 18.51 -13.88 -8.27
C VAL A 474 18.93 -12.72 -7.39
N ALA A 475 19.33 -11.61 -8.02
CA ALA A 475 19.70 -10.42 -7.28
C ALA A 475 18.48 -9.86 -6.52
N LEU A 476 17.31 -9.83 -7.15
CA LEU A 476 16.09 -9.35 -6.46
C LEU A 476 15.76 -10.22 -5.27
N ALA A 477 15.79 -11.52 -5.49
CA ALA A 477 15.60 -12.47 -4.42
C ALA A 477 16.59 -12.32 -3.25
N CYS A 478 17.87 -12.08 -3.55
CA CYS A 478 18.89 -11.85 -2.53
C CYS A 478 18.63 -10.56 -1.76
N LEU A 479 18.22 -9.53 -2.47
CA LEU A 479 18.02 -8.20 -1.88
C LEU A 479 16.77 -8.04 -1.01
N GLY A 480 15.66 -8.64 -1.43
CA GLY A 480 14.35 -8.42 -0.75
C GLY A 480 13.41 -9.60 -0.75
N GLY A 481 13.95 -10.78 -1.02
CA GLY A 481 13.20 -12.02 -0.85
C GLY A 481 11.93 -12.08 -1.64
N ARG A 482 11.00 -12.88 -1.16
CA ARG A 482 9.68 -12.96 -1.77
C ARG A 482 9.06 -11.59 -1.99
N PRO A 483 9.11 -10.73 -0.96
CA PRO A 483 8.43 -9.42 -1.15
C PRO A 483 8.95 -8.64 -2.34
N ALA A 484 10.23 -8.75 -2.63
CA ALA A 484 10.81 -8.05 -3.78
C ALA A 484 10.27 -8.63 -5.06
N LEU A 485 10.23 -9.96 -5.12
CA LEU A 485 9.63 -10.69 -6.23
C LEU A 485 8.13 -10.48 -6.38
N ASP A 486 7.38 -10.55 -5.30
CA ASP A 486 5.94 -10.30 -5.40
C ASP A 486 5.73 -8.83 -5.79
N ALA A 487 6.51 -7.92 -5.24
CA ALA A 487 6.32 -6.54 -5.63
C ALA A 487 6.52 -6.43 -7.12
N VAL A 488 7.61 -6.96 -7.67
CA VAL A 488 7.81 -6.79 -9.09
C VAL A 488 6.69 -7.43 -9.90
N LYS A 489 6.10 -8.53 -9.43
CA LYS A 489 4.88 -9.02 -10.08
C LYS A 489 3.76 -7.97 -10.02
N LYS A 490 3.59 -7.33 -8.88
CA LYS A 490 2.57 -6.29 -8.68
C LYS A 490 2.78 -5.15 -9.64
N LEU A 491 4.04 -4.71 -9.73
CA LEU A 491 4.36 -3.52 -10.49
C LEU A 491 4.33 -3.72 -12.00
N GLU A 492 4.30 -4.92 -12.54
CA GLU A 492 4.30 -5.06 -14.01
C GLU A 492 2.93 -5.17 -14.68
N HIS A 493 1.88 -5.46 -13.94
CA HIS A 493 0.67 -6.06 -14.59
C HIS A 493 0.03 -5.25 -15.75
N HIS A 494 0.40 -3.97 -15.91
CA HIS A 494 -0.15 -3.08 -16.95
C HIS A 494 0.51 -1.68 -17.25
N HIS A 495 1.18 -1.01 -16.29
CA HIS A 495 2.14 0.11 -16.64
C HIS A 495 3.05 -0.43 -17.72
N HIS A 496 3.30 -1.74 -17.67
CA HIS A 496 3.79 -2.48 -18.79
C HIS A 496 2.70 -3.36 -19.42
N MET D 1 -6.04 49.39 -24.21
CA MET D 1 -7.19 48.69 -24.81
C MET D 1 -8.41 49.65 -24.79
N GLN D 2 -8.79 50.06 -23.58
CA GLN D 2 -10.04 50.82 -23.30
C GLN D 2 -10.24 52.14 -24.05
N TRP D 3 -11.50 52.44 -24.38
CA TRP D 3 -11.95 53.83 -24.58
C TRP D 3 -12.47 54.41 -23.28
N SER D 4 -12.06 55.65 -23.03
CA SER D 4 -12.55 56.54 -21.97
C SER D 4 -11.31 57.16 -21.32
N GLY D 5 -10.29 56.32 -21.10
CA GLY D 5 -8.92 56.79 -21.10
C GLY D 5 -8.55 56.78 -22.58
N ALA D 6 -9.08 57.77 -23.31
CA ALA D 6 -9.14 57.73 -24.78
C ALA D 6 -7.83 58.29 -25.31
N ARG D 7 -7.27 57.66 -26.33
CA ARG D 7 -5.93 58.00 -26.83
C ARG D 7 -4.79 57.76 -25.80
N ALA D 8 -5.10 57.22 -24.62
CA ALA D 8 -4.10 56.57 -23.76
C ALA D 8 -3.56 55.27 -24.39
N LEU D 9 -4.33 54.68 -25.32
CA LEU D 9 -4.07 53.33 -25.85
C LEU D 9 -2.70 53.16 -26.51
N GLU D 10 -2.19 54.23 -27.13
CA GLU D 10 -0.91 54.19 -27.93
C GLU D 10 0.14 53.11 -27.53
N ALA D 11 0.29 52.85 -26.24
CA ALA D 11 1.09 51.72 -25.78
C ALA D 11 0.61 50.34 -26.29
N LEU D 12 -0.65 49.99 -25.95
CA LEU D 12 -1.29 48.63 -26.06
C LEU D 12 -0.64 47.70 -27.10
N LEU D 13 -0.30 48.28 -28.26
CA LEU D 13 0.29 47.62 -29.43
C LEU D 13 1.77 47.93 -29.80
N THR D 14 2.32 49.09 -29.45
CA THR D 14 3.81 49.28 -29.59
C THR D 14 4.49 48.75 -28.27
N VAL D 15 3.70 48.52 -27.21
CA VAL D 15 4.15 47.61 -26.08
C VAL D 15 4.57 46.18 -26.52
N ALA D 16 3.79 45.59 -27.39
CA ALA D 16 4.03 44.20 -27.81
C ALA D 16 5.38 44.03 -28.49
N GLY D 17 5.68 44.94 -29.40
CA GLY D 17 6.95 44.88 -30.12
C GLY D 17 8.11 44.84 -29.16
N GLU D 18 8.06 45.68 -28.12
CA GLU D 18 9.05 45.67 -27.06
C GLU D 18 9.02 44.39 -26.18
N LEU D 19 7.85 43.83 -25.84
CA LEU D 19 7.83 42.63 -25.01
C LEU D 19 8.35 41.43 -25.75
N ARG D 20 8.26 41.47 -27.08
CA ARG D 20 8.78 40.39 -27.94
C ARG D 20 10.31 40.42 -27.99
N GLY D 21 10.89 41.53 -27.61
CA GLY D 21 12.31 41.69 -27.51
C GLY D 21 12.82 41.27 -26.15
N PRO D 22 14.08 41.63 -25.87
CA PRO D 22 14.64 41.24 -24.60
C PRO D 22 14.26 42.06 -23.41
N PRO D 23 13.68 41.39 -22.42
CA PRO D 23 14.41 40.37 -21.70
C PRO D 23 13.44 39.17 -21.64
N LEU D 24 12.17 39.41 -21.97
CA LEU D 24 11.13 38.37 -21.90
C LEU D 24 10.92 37.57 -23.17
N GLN D 25 11.05 38.20 -24.33
CA GLN D 25 10.90 37.48 -25.61
C GLN D 25 9.53 36.85 -25.70
N LEU D 26 8.50 37.57 -25.31
CA LEU D 26 7.17 36.94 -25.34
C LEU D 26 6.71 36.66 -26.76
N ASP D 27 6.04 35.51 -26.96
CA ASP D 27 5.36 35.17 -28.21
C ASP D 27 3.87 35.60 -28.15
N THR D 28 3.19 35.45 -29.28
CA THR D 28 1.82 35.93 -29.44
C THR D 28 0.80 35.33 -28.45
N GLY D 29 0.95 34.03 -28.18
CA GLY D 29 0.10 33.33 -27.20
C GLY D 29 0.28 33.86 -25.80
N GLN D 30 1.51 34.19 -25.44
CA GLN D 30 1.78 34.65 -24.11
C GLN D 30 1.16 36.04 -23.90
N LEU D 31 1.38 36.91 -24.89
CA LEU D 31 0.78 38.26 -24.84
C LEU D 31 -0.74 38.17 -24.75
N LEU D 32 -1.30 37.24 -25.51
CA LEU D 32 -2.74 37.06 -25.49
C LEU D 32 -3.22 36.63 -24.12
N LYS D 33 -2.50 35.68 -23.52
CA LYS D 33 -2.91 35.13 -22.23
C LYS D 33 -2.92 36.25 -21.17
N ILE D 34 -1.88 37.07 -21.18
CA ILE D 34 -1.88 38.20 -20.27
C ILE D 34 -3.05 39.16 -20.48
N ALA D 35 -3.26 39.62 -21.72
CA ALA D 35 -4.34 40.57 -22.01
C ALA D 35 -5.71 39.98 -21.64
N LYS D 36 -5.94 38.72 -21.95
CA LYS D 36 -7.19 38.09 -21.62
C LYS D 36 -7.50 38.06 -20.14
N ARG D 37 -6.52 37.87 -19.25
CA ARG D 37 -6.88 37.78 -17.81
C ARG D 37 -6.31 38.86 -16.92
N GLY D 38 -5.03 39.16 -17.02
CA GLY D 38 -4.54 40.29 -16.25
C GLY D 38 -5.05 41.63 -16.78
N GLY D 39 -5.47 41.64 -18.04
CA GLY D 39 -5.97 42.85 -18.69
C GLY D 39 -4.92 43.90 -19.06
N VAL D 40 -5.41 45.08 -19.35
CA VAL D 40 -4.51 46.15 -19.77
C VAL D 40 -3.55 46.53 -18.66
N THR D 41 -4.01 46.55 -17.42
CA THR D 41 -3.07 46.88 -16.36
C THR D 41 -1.94 45.86 -16.23
N ALA D 42 -2.21 44.58 -16.45
CA ALA D 42 -1.15 43.60 -16.34
C ALA D 42 -0.20 43.76 -17.54
N VAL D 43 -0.77 43.96 -18.73
CA VAL D 43 0.03 44.15 -19.95
C VAL D 43 1.01 45.30 -19.75
N GLU D 44 0.50 46.42 -19.25
CA GLU D 44 1.35 47.59 -19.01
C GLU D 44 2.38 47.34 -17.91
N ALA D 45 1.95 46.67 -16.83
CA ALA D 45 2.84 46.40 -15.68
C ALA D 45 4.01 45.52 -16.11
N VAL D 46 3.74 44.48 -16.88
CA VAL D 46 4.79 43.58 -17.31
C VAL D 46 5.82 44.36 -18.13
N HIS D 47 5.33 45.28 -18.97
CA HIS D 47 6.24 46.06 -19.82
C HIS D 47 7.08 47.00 -19.00
N ALA D 48 6.45 47.75 -18.13
CA ALA D 48 7.19 48.66 -17.26
C ALA D 48 8.29 47.95 -16.43
N TRP D 49 7.98 46.77 -15.89
CA TRP D 49 8.83 46.12 -14.89
C TRP D 49 9.58 44.90 -15.40
N ARG D 50 9.64 44.76 -16.71
CA ARG D 50 10.29 43.58 -17.29
C ARG D 50 11.73 43.38 -16.81
N ASN D 51 12.47 44.45 -16.59
CA ASN D 51 13.89 44.31 -16.21
C ASN D 51 14.01 43.92 -14.73
N ALA D 52 13.19 44.52 -13.90
CA ALA D 52 13.18 44.19 -12.47
C ALA D 52 12.74 42.76 -12.15
N LEU D 53 11.78 42.23 -12.90
CA LEU D 53 11.29 40.85 -12.67
C LEU D 53 12.29 39.77 -13.12
N THR D 54 13.08 40.15 -14.10
CA THR D 54 13.88 39.20 -14.82
C THR D 54 15.33 39.21 -14.36
N GLY D 55 15.70 40.20 -13.55
CA GLY D 55 17.08 40.30 -13.07
C GLY D 55 17.22 40.19 -11.57
N ALA D 56 18.27 40.84 -11.05
CA ALA D 56 18.29 41.25 -9.64
C ALA D 56 18.27 39.97 -8.81
N PRO D 57 17.59 39.96 -7.63
CA PRO D 57 17.53 38.67 -6.92
C PRO D 57 16.36 37.78 -7.36
N LEU D 58 15.45 38.31 -8.17
CA LEU D 58 14.23 37.59 -8.51
C LEU D 58 14.52 36.54 -9.53
N ASN D 59 15.21 36.91 -10.60
CA ASN D 59 15.55 35.97 -11.68
C ASN D 59 14.43 35.15 -12.28
N LEU D 60 13.24 35.74 -12.39
CA LEU D 60 12.08 34.98 -12.86
C LEU D 60 12.18 34.75 -14.36
N THR D 61 11.82 33.55 -14.81
CA THR D 61 11.79 33.25 -16.21
C THR D 61 10.59 33.99 -16.87
N PRO D 62 10.62 34.20 -18.20
CA PRO D 62 9.47 34.80 -18.85
C PRO D 62 8.18 34.05 -18.52
N GLU D 63 8.25 32.74 -18.50
CA GLU D 63 7.04 31.94 -18.31
C GLU D 63 6.49 32.14 -16.87
N GLN D 64 7.36 32.41 -15.90
CA GLN D 64 6.91 32.69 -14.56
C GLN D 64 6.24 34.07 -14.52
N VAL D 65 6.80 34.99 -15.29
CA VAL D 65 6.25 36.35 -15.38
C VAL D 65 4.86 36.30 -15.99
N VAL D 66 4.71 35.51 -17.05
CA VAL D 66 3.41 35.29 -17.68
C VAL D 66 2.40 34.63 -16.71
N ALA D 67 2.85 33.65 -15.92
CA ALA D 67 1.94 32.95 -14.98
C ALA D 67 1.45 33.91 -13.91
N ILE D 68 2.33 34.80 -13.47
CA ILE D 68 1.93 35.73 -12.42
C ILE D 68 1.03 36.84 -12.99
N ALA D 69 1.38 37.32 -14.18
CA ALA D 69 0.68 38.46 -14.75
C ALA D 69 -0.75 38.13 -15.14
N SER D 70 -1.03 36.88 -15.45
CA SER D 70 -2.22 36.56 -16.23
C SER D 70 -3.42 36.16 -15.32
N HIS D 71 -3.71 36.98 -14.32
CA HIS D 71 -4.87 36.80 -13.41
C HIS D 71 -5.39 38.16 -13.09
N ASP D 72 -6.63 38.22 -12.61
CA ASP D 72 -7.17 39.45 -12.13
C ASP D 72 -6.22 39.90 -11.00
N GLY D 73 -5.90 41.19 -10.98
CA GLY D 73 -4.93 41.73 -10.06
C GLY D 73 -3.48 41.40 -10.36
N GLY D 74 -3.21 40.83 -11.52
CA GLY D 74 -1.83 40.50 -11.88
C GLY D 74 -0.82 41.57 -11.60
N LYS D 75 -1.16 42.83 -11.87
CA LYS D 75 -0.23 43.92 -11.58
C LYS D 75 0.12 43.88 -10.09
N GLN D 76 -0.86 43.67 -9.23
CA GLN D 76 -0.58 43.66 -7.81
C GLN D 76 0.28 42.46 -7.43
N ALA D 77 0.05 41.33 -8.07
CA ALA D 77 0.78 40.11 -7.78
C ALA D 77 2.26 40.28 -8.18
N LEU D 78 2.48 40.86 -9.36
CA LEU D 78 3.82 41.21 -9.83
C LEU D 78 4.58 42.11 -8.85
N GLU D 79 3.92 43.19 -8.44
CA GLU D 79 4.44 44.12 -7.41
C GLU D 79 4.83 43.36 -6.14
N THR D 80 3.93 42.50 -5.67
CA THR D 80 4.08 41.84 -4.37
C THR D 80 5.14 40.73 -4.44
N VAL D 81 5.23 40.02 -5.54
CA VAL D 81 6.34 39.07 -5.74
C VAL D 81 7.72 39.72 -5.66
N GLN D 82 7.88 40.88 -6.28
CA GLN D 82 9.10 41.65 -6.19
C GLN D 82 9.43 41.93 -4.75
N ARG D 83 8.44 42.26 -3.93
CA ARG D 83 8.69 42.64 -2.54
C ARG D 83 8.99 41.40 -1.70
N LEU D 84 8.20 40.37 -1.87
CA LEU D 84 8.12 39.33 -0.89
C LEU D 84 8.79 38.04 -1.28
N LEU D 85 9.13 37.87 -2.55
CA LEU D 85 9.72 36.62 -2.93
C LEU D 85 10.97 36.36 -2.07
N PRO D 86 11.89 37.36 -1.95
CA PRO D 86 13.14 37.14 -1.21
C PRO D 86 12.89 36.81 0.25
N VAL D 87 11.99 37.55 0.90
CA VAL D 87 11.71 37.24 2.30
C VAL D 87 11.03 35.87 2.48
N LEU D 88 10.16 35.49 1.57
CA LEU D 88 9.51 34.18 1.67
C LEU D 88 10.50 33.04 1.46
N CYS D 89 11.46 33.23 0.57
CA CYS D 89 12.50 32.22 0.38
C CYS D 89 13.47 32.21 1.56
N GLN D 90 14.08 33.35 1.87
CA GLN D 90 15.13 33.40 2.89
C GLN D 90 14.60 33.16 4.33
N ALA D 91 13.59 33.90 4.72
CA ALA D 91 12.98 33.81 6.06
C ALA D 91 12.01 32.60 6.32
N HIS D 92 11.16 32.27 5.34
CA HIS D 92 10.18 31.19 5.49
C HIS D 92 10.58 29.90 4.80
N GLY D 93 11.72 29.85 4.09
CA GLY D 93 12.21 28.57 3.52
C GLY D 93 11.51 28.04 2.27
N LEU D 94 10.70 28.88 1.61
CA LEU D 94 10.03 28.44 0.41
C LEU D 94 11.00 28.50 -0.74
N THR D 95 10.68 27.85 -1.86
CA THR D 95 11.50 28.01 -3.07
C THR D 95 10.86 29.10 -3.95
N PRO D 96 11.64 29.66 -4.89
CA PRO D 96 11.05 30.60 -5.84
C PRO D 96 9.81 30.07 -6.53
N GLN D 97 9.84 28.81 -6.95
CA GLN D 97 8.69 28.21 -7.68
C GLN D 97 7.40 28.16 -6.82
N GLN D 98 7.55 27.90 -5.54
CA GLN D 98 6.42 27.92 -4.61
C GLN D 98 5.84 29.35 -4.47
N VAL D 99 6.71 30.33 -4.49
CA VAL D 99 6.25 31.71 -4.42
C VAL D 99 5.48 32.08 -5.68
N VAL D 100 5.98 31.66 -6.83
CA VAL D 100 5.31 31.85 -8.11
C VAL D 100 3.93 31.16 -8.13
N ALA D 101 3.86 29.94 -7.65
CA ALA D 101 2.59 29.20 -7.63
C ALA D 101 1.61 29.96 -6.79
N ILE D 102 2.03 30.40 -5.61
CA ILE D 102 1.10 31.14 -4.75
C ILE D 102 0.60 32.38 -5.47
N ALA D 103 1.53 33.05 -6.12
CA ALA D 103 1.25 34.32 -6.79
C ALA D 103 0.33 34.19 -7.96
N SER D 104 0.28 33.00 -8.58
CA SER D 104 -0.29 32.87 -9.91
C SER D 104 -1.79 32.56 -9.88
N HIS D 105 -2.54 33.35 -9.13
CA HIS D 105 -4.01 33.22 -9.07
C HIS D 105 -4.58 34.58 -8.95
N ASP D 106 -5.89 34.70 -9.16
CA ASP D 106 -6.58 35.95 -8.87
C ASP D 106 -6.31 36.30 -7.43
N GLY D 107 -6.02 37.56 -7.19
CA GLY D 107 -5.77 37.99 -5.83
C GLY D 107 -4.51 37.44 -5.20
N GLY D 108 -3.53 37.15 -6.04
CA GLY D 108 -2.24 36.58 -5.64
C GLY D 108 -1.54 37.38 -4.59
N LYS D 109 -1.64 38.70 -4.66
CA LYS D 109 -1.10 39.60 -3.65
C LYS D 109 -1.55 39.26 -2.25
N GLN D 110 -2.85 39.11 -2.08
CA GLN D 110 -3.46 38.77 -0.80
C GLN D 110 -2.99 37.44 -0.27
N ALA D 111 -2.85 36.45 -1.17
CA ALA D 111 -2.42 35.13 -0.77
C ALA D 111 -0.96 35.21 -0.33
N LEU D 112 -0.14 35.92 -1.11
CA LEU D 112 1.27 36.13 -0.77
C LEU D 112 1.43 36.78 0.59
N GLU D 113 0.71 37.87 0.83
CA GLU D 113 0.75 38.52 2.12
C GLU D 113 0.22 37.64 3.23
N THR D 114 -0.77 36.80 2.95
CA THR D 114 -1.36 35.96 4.00
C THR D 114 -0.44 34.77 4.35
N VAL D 115 0.24 34.21 3.37
CA VAL D 115 1.26 33.23 3.68
C VAL D 115 2.39 33.81 4.58
N GLN D 116 2.95 34.95 4.17
CA GLN D 116 3.83 35.73 5.08
C GLN D 116 3.36 35.89 6.55
N ARG D 117 2.12 36.29 6.71
CA ARG D 117 1.56 36.50 8.03
C ARG D 117 1.32 35.19 8.79
N LEU D 118 0.83 34.17 8.08
CA LEU D 118 0.26 32.99 8.77
C LEU D 118 1.06 31.74 8.64
N LEU D 119 1.96 31.66 7.67
CA LEU D 119 2.74 30.40 7.57
C LEU D 119 3.37 29.96 8.92
N PRO D 120 3.96 30.89 9.68
CA PRO D 120 4.59 30.45 10.95
C PRO D 120 3.62 29.85 11.94
N VAL D 121 2.49 30.50 12.18
CA VAL D 121 1.52 29.98 13.13
C VAL D 121 0.90 28.69 12.66
N LEU D 122 0.63 28.58 11.36
CA LEU D 122 0.05 27.35 10.83
C LEU D 122 0.99 26.17 11.01
N CYS D 123 2.29 26.42 10.83
CA CYS D 123 3.27 25.39 11.10
C CYS D 123 3.47 25.13 12.61
N GLN D 124 3.72 26.16 13.41
CA GLN D 124 4.06 25.94 14.81
C GLN D 124 2.87 25.55 15.66
N ALA D 125 1.80 26.31 15.58
CA ALA D 125 0.63 26.01 16.41
C ALA D 125 -0.24 24.86 15.87
N HIS D 126 -0.41 24.73 14.56
CA HIS D 126 -1.33 23.68 14.09
C HIS D 126 -0.61 22.48 13.55
N GLY D 127 0.71 22.53 13.42
CA GLY D 127 1.44 21.36 12.91
C GLY D 127 1.44 21.07 11.40
N LEU D 128 0.96 21.99 10.57
CA LEU D 128 1.08 21.80 9.10
C LEU D 128 2.51 21.94 8.60
N THR D 129 2.81 21.40 7.44
CA THR D 129 4.10 21.63 6.80
C THR D 129 3.99 22.84 5.87
N PRO D 130 5.13 23.44 5.53
CA PRO D 130 5.11 24.56 4.58
C PRO D 130 4.48 24.16 3.25
N GLU D 131 4.67 22.91 2.86
CA GLU D 131 4.06 22.46 1.62
C GLU D 131 2.55 22.53 1.74
N GLN D 132 2.03 22.13 2.90
CA GLN D 132 0.61 22.15 3.08
C GLN D 132 0.07 23.58 3.00
N VAL D 133 0.82 24.50 3.56
CA VAL D 133 0.41 25.88 3.57
C VAL D 133 0.46 26.41 2.13
N VAL D 134 1.51 26.03 1.37
CA VAL D 134 1.58 26.42 -0.02
C VAL D 134 0.39 25.88 -0.85
N ALA D 135 0.05 24.64 -0.64
CA ALA D 135 -1.13 24.06 -1.31
C ALA D 135 -2.40 24.77 -0.96
N ILE D 136 -2.58 25.20 0.28
CA ILE D 136 -3.82 25.90 0.60
C ILE D 136 -3.80 27.29 -0.07
N ALA D 137 -2.63 27.92 -0.11
CA ALA D 137 -2.54 29.28 -0.61
C ALA D 137 -2.72 29.40 -2.09
N SER D 138 -2.45 28.33 -2.83
CA SER D 138 -2.27 28.40 -4.28
C SER D 138 -3.54 28.19 -5.10
N HIS D 139 -4.58 28.91 -4.73
CA HIS D 139 -5.86 28.91 -5.41
C HIS D 139 -6.43 30.32 -5.33
N ASP D 140 -7.35 30.70 -6.20
CA ASP D 140 -8.03 31.96 -6.00
C ASP D 140 -8.63 31.98 -4.57
N GLY D 141 -8.63 33.15 -3.94
CA GLY D 141 -9.14 33.26 -2.57
C GLY D 141 -8.27 32.54 -1.51
N GLY D 142 -7.01 32.26 -1.84
CA GLY D 142 -6.10 31.57 -0.88
C GLY D 142 -6.00 32.25 0.47
N LYS D 143 -6.03 33.58 0.48
CA LYS D 143 -6.10 34.32 1.71
C LYS D 143 -7.25 33.83 2.59
N GLN D 144 -8.43 33.74 2.01
CA GLN D 144 -9.62 33.36 2.77
C GLN D 144 -9.46 31.93 3.29
N ALA D 145 -8.82 31.09 2.50
CA ALA D 145 -8.68 29.69 2.88
C ALA D 145 -7.70 29.50 4.02
N LEU D 146 -6.57 30.19 3.91
CA LEU D 146 -5.56 30.22 4.96
C LEU D 146 -6.15 30.68 6.26
N GLU D 147 -6.85 31.81 6.23
CA GLU D 147 -7.44 32.32 7.44
C GLU D 147 -8.47 31.34 8.01
N THR D 148 -9.17 30.66 7.13
CA THR D 148 -10.23 29.82 7.60
C THR D 148 -9.63 28.54 8.17
N VAL D 149 -8.54 28.08 7.61
CA VAL D 149 -7.86 26.95 8.22
C VAL D 149 -7.36 27.34 9.62
N GLN D 150 -6.79 28.51 9.74
CA GLN D 150 -6.35 28.95 11.01
C GLN D 150 -7.51 28.94 11.99
N ALA D 151 -8.65 29.50 11.62
CA ALA D 151 -9.77 29.61 12.56
C ALA D 151 -10.44 28.29 12.86
N LEU D 152 -10.52 27.38 11.88
CA LEU D 152 -11.39 26.20 11.98
C LEU D 152 -10.67 24.88 12.15
N LEU D 153 -9.37 24.84 11.91
CA LEU D 153 -8.73 23.52 11.98
C LEU D 153 -8.96 22.84 13.35
N PRO D 154 -8.94 23.64 14.44
CA PRO D 154 -9.14 23.01 15.75
C PRO D 154 -10.55 22.44 15.97
N VAL D 155 -11.62 23.16 15.60
CA VAL D 155 -12.96 22.58 15.75
C VAL D 155 -13.16 21.40 14.86
N LEU D 156 -12.69 21.48 13.64
CA LEU D 156 -12.92 20.37 12.72
C LEU D 156 -12.20 19.10 13.16
N CYS D 157 -11.03 19.24 13.74
CA CYS D 157 -10.34 18.10 14.31
C CYS D 157 -10.98 17.63 15.61
N GLN D 158 -11.20 18.53 16.55
CA GLN D 158 -11.60 18.10 17.90
C GLN D 158 -13.09 17.78 18.01
N ALA D 159 -13.95 18.57 17.39
CA ALA D 159 -15.39 18.32 17.51
C ALA D 159 -15.97 17.37 16.46
N HIS D 160 -15.41 17.38 15.25
CA HIS D 160 -15.91 16.57 14.14
C HIS D 160 -15.05 15.36 13.76
N GLY D 161 -13.86 15.20 14.33
CA GLY D 161 -13.05 14.00 14.06
C GLY D 161 -12.12 13.97 12.83
N LEU D 162 -11.94 15.10 12.13
CA LEU D 162 -11.16 15.06 10.91
C LEU D 162 -9.70 15.18 11.24
N THR D 163 -8.83 14.69 10.37
CA THR D 163 -7.42 14.86 10.55
C THR D 163 -7.03 16.15 9.85
N PRO D 164 -5.89 16.69 10.22
CA PRO D 164 -5.31 17.89 9.59
C PRO D 164 -5.20 17.73 8.08
N GLU D 165 -4.85 16.52 7.64
CA GLU D 165 -4.73 16.23 6.19
C GLU D 165 -6.06 16.43 5.52
N GLN D 166 -7.11 15.92 6.15
CA GLN D 166 -8.47 16.11 5.63
C GLN D 166 -8.84 17.58 5.55
N VAL D 167 -8.53 18.32 6.59
CA VAL D 167 -8.80 19.73 6.56
C VAL D 167 -7.99 20.42 5.46
N VAL D 168 -6.73 20.05 5.30
CA VAL D 168 -5.89 20.60 4.19
C VAL D 168 -6.45 20.29 2.81
N ALA D 169 -6.91 19.06 2.64
CA ALA D 169 -7.56 18.71 1.40
C ALA D 169 -8.84 19.54 1.12
N ILE D 170 -9.68 19.78 2.12
CA ILE D 170 -10.87 20.60 1.87
C ILE D 170 -10.51 22.05 1.50
N ALA D 171 -9.47 22.52 2.14
CA ALA D 171 -9.04 23.90 2.00
C ALA D 171 -8.38 24.18 0.66
N SER D 172 -7.69 23.16 0.12
CA SER D 172 -6.86 23.34 -1.04
C SER D 172 -7.60 23.32 -2.41
N ASN D 173 -8.68 24.11 -2.51
CA ASN D 173 -9.36 24.37 -3.78
C ASN D 173 -9.82 25.77 -3.71
N GLY D 174 -10.12 26.37 -4.85
CA GLY D 174 -10.84 27.64 -4.92
C GLY D 174 -12.14 27.59 -4.13
N GLY D 175 -12.41 28.67 -3.39
CA GLY D 175 -13.55 28.70 -2.47
C GLY D 175 -13.34 27.78 -1.27
N GLY D 176 -12.10 27.51 -0.91
CA GLY D 176 -11.77 26.63 0.23
C GLY D 176 -12.47 27.09 1.51
N LYS D 177 -12.48 28.39 1.72
CA LYS D 177 -13.15 28.96 2.87
C LYS D 177 -14.54 28.41 2.97
N GLN D 178 -15.27 28.47 1.85
CA GLN D 178 -16.69 28.12 1.83
C GLN D 178 -16.87 26.63 2.08
N ALA D 179 -15.95 25.86 1.51
CA ALA D 179 -16.06 24.39 1.62
C ALA D 179 -15.83 23.98 3.08
N LEU D 180 -14.82 24.58 3.71
CA LEU D 180 -14.58 24.41 5.14
C LEU D 180 -15.77 24.76 6.04
N GLU D 181 -16.34 25.92 5.84
CA GLU D 181 -17.48 26.34 6.67
C GLU D 181 -18.70 25.42 6.50
N THR D 182 -18.85 24.93 5.27
CA THR D 182 -19.98 24.13 4.93
C THR D 182 -19.79 22.76 5.52
N VAL D 183 -18.55 22.28 5.58
CA VAL D 183 -18.28 20.98 6.21
C VAL D 183 -18.57 21.08 7.69
N GLN D 184 -18.07 22.16 8.29
CA GLN D 184 -18.39 22.49 9.68
C GLN D 184 -19.89 22.45 9.99
N ARG D 185 -20.69 23.09 9.15
CA ARG D 185 -22.13 23.15 9.35
C ARG D 185 -22.83 21.82 9.07
N LEU D 186 -22.41 21.08 8.06
CA LEU D 186 -23.22 20.00 7.53
C LEU D 186 -22.69 18.62 7.82
N LEU D 187 -21.48 18.48 8.32
CA LEU D 187 -20.94 17.13 8.54
C LEU D 187 -21.85 16.33 9.50
N PRO D 188 -22.36 16.95 10.57
CA PRO D 188 -23.19 16.21 11.49
C PRO D 188 -24.43 15.65 10.85
N VAL D 189 -25.21 16.48 10.17
CA VAL D 189 -26.43 16.00 9.49
C VAL D 189 -26.10 14.98 8.39
N LEU D 190 -25.07 15.22 7.61
CA LEU D 190 -24.76 14.28 6.52
C LEU D 190 -24.40 12.88 7.07
N CYS D 191 -23.70 12.81 8.20
CA CYS D 191 -23.37 11.52 8.77
C CYS D 191 -24.52 10.86 9.56
N GLN D 192 -25.21 11.65 10.37
CA GLN D 192 -26.19 11.12 11.30
C GLN D 192 -27.58 10.98 10.66
N ALA D 193 -27.94 11.89 9.76
CA ALA D 193 -29.20 11.74 9.01
C ALA D 193 -29.04 10.95 7.72
N HIS D 194 -28.03 11.25 6.91
CA HIS D 194 -27.96 10.59 5.61
C HIS D 194 -27.05 9.37 5.57
N GLY D 195 -26.44 9.02 6.70
CA GLY D 195 -25.59 7.85 6.77
C GLY D 195 -24.27 7.92 6.01
N LEU D 196 -23.80 9.11 5.64
CA LEU D 196 -22.49 9.19 5.00
C LEU D 196 -21.39 9.06 6.04
N THR D 197 -20.21 8.60 5.61
CA THR D 197 -19.01 8.66 6.48
C THR D 197 -18.33 10.03 6.38
N PRO D 198 -17.57 10.40 7.42
CA PRO D 198 -16.72 11.59 7.41
C PRO D 198 -15.88 11.68 6.15
N GLN D 199 -15.25 10.57 5.77
CA GLN D 199 -14.41 10.54 4.61
C GLN D 199 -15.17 10.87 3.30
N GLN D 200 -16.44 10.43 3.18
CA GLN D 200 -17.22 10.70 2.01
C GLN D 200 -17.64 12.17 1.98
N VAL D 201 -17.94 12.75 3.15
CA VAL D 201 -18.14 14.21 3.24
C VAL D 201 -16.87 14.92 2.78
N VAL D 202 -15.73 14.49 3.26
CA VAL D 202 -14.46 15.15 2.93
C VAL D 202 -14.19 15.11 1.42
N ALA D 203 -14.41 13.95 0.83
CA ALA D 203 -14.30 13.79 -0.58
C ALA D 203 -15.21 14.80 -1.38
N ILE D 204 -16.46 14.91 -0.97
CA ILE D 204 -17.39 15.77 -1.63
C ILE D 204 -16.97 17.23 -1.53
N ALA D 205 -16.42 17.58 -0.39
CA ALA D 205 -16.03 18.96 -0.13
C ALA D 205 -14.69 19.32 -0.73
N SER D 206 -13.90 18.33 -1.13
CA SER D 206 -12.52 18.58 -1.54
C SER D 206 -12.41 18.84 -3.02
N ASN D 207 -13.30 19.66 -3.57
CA ASN D 207 -13.20 20.12 -4.94
C ASN D 207 -13.69 21.51 -5.04
N GLY D 208 -13.26 22.22 -6.08
CA GLY D 208 -13.87 23.54 -6.42
C GLY D 208 -15.40 23.39 -6.37
N GLY D 209 -16.08 24.34 -5.76
CA GLY D 209 -17.55 24.28 -5.51
C GLY D 209 -18.03 23.31 -4.43
N GLY D 210 -17.12 22.88 -3.54
CA GLY D 210 -17.46 21.90 -2.52
C GLY D 210 -18.68 22.33 -1.73
N LYS D 211 -18.77 23.60 -1.37
CA LYS D 211 -19.93 24.07 -0.64
C LYS D 211 -21.25 23.72 -1.32
N GLN D 212 -21.28 23.96 -2.61
CA GLN D 212 -22.49 23.80 -3.38
C GLN D 212 -22.81 22.30 -3.48
N ALA D 213 -21.77 21.49 -3.70
CA ALA D 213 -21.93 20.05 -3.78
C ALA D 213 -22.45 19.49 -2.46
N LEU D 214 -21.88 19.93 -1.38
CA LEU D 214 -22.35 19.51 -0.09
C LEU D 214 -23.84 19.85 0.16
N GLU D 215 -24.23 21.07 -0.14
CA GLU D 215 -25.59 21.52 0.17
C GLU D 215 -26.58 20.77 -0.72
N THR D 216 -26.12 20.49 -1.94
CA THR D 216 -26.91 19.74 -2.83
C THR D 216 -27.02 18.27 -2.44
N VAL D 217 -25.97 17.65 -1.94
CA VAL D 217 -26.09 16.26 -1.51
C VAL D 217 -27.02 16.16 -0.30
N GLN D 218 -26.93 17.16 0.55
CA GLN D 218 -27.87 17.25 1.67
C GLN D 218 -29.33 17.20 1.17
N ARG D 219 -29.62 18.04 0.18
CA ARG D 219 -30.94 18.19 -0.36
C ARG D 219 -31.42 16.99 -1.17
N LEU D 220 -30.53 16.38 -1.98
CA LEU D 220 -30.90 15.44 -3.03
C LEU D 220 -30.58 13.98 -2.80
N LEU D 221 -29.69 13.67 -1.86
CA LEU D 221 -29.32 12.27 -1.61
C LEU D 221 -30.56 11.36 -1.41
N PRO D 222 -31.50 11.76 -0.54
CA PRO D 222 -32.65 10.86 -0.30
C PRO D 222 -33.48 10.58 -1.54
N VAL D 223 -33.83 11.61 -2.28
CA VAL D 223 -34.55 11.48 -3.55
C VAL D 223 -33.81 10.58 -4.54
N LEU D 224 -32.53 10.87 -4.77
CA LEU D 224 -31.75 10.11 -5.74
C LEU D 224 -31.68 8.64 -5.35
N CYS D 225 -31.55 8.37 -4.06
CA CYS D 225 -31.45 6.99 -3.62
C CYS D 225 -32.81 6.30 -3.62
N GLN D 226 -33.74 6.86 -2.88
CA GLN D 226 -35.00 6.17 -2.59
C GLN D 226 -36.07 6.38 -3.65
N ALA D 227 -35.88 7.33 -4.56
CA ALA D 227 -36.76 7.44 -5.71
C ALA D 227 -36.11 6.98 -7.02
N HIS D 228 -34.89 7.40 -7.33
CA HIS D 228 -34.32 6.99 -8.61
C HIS D 228 -33.45 5.75 -8.51
N GLY D 229 -33.28 5.18 -7.33
CA GLY D 229 -32.54 3.91 -7.23
C GLY D 229 -31.00 3.94 -7.31
N LEU D 230 -30.38 5.12 -7.18
CA LEU D 230 -28.93 5.16 -7.05
C LEU D 230 -28.52 4.72 -5.65
N THR D 231 -27.31 4.21 -5.52
CA THR D 231 -26.74 3.94 -4.20
C THR D 231 -26.09 5.22 -3.64
N PRO D 232 -25.88 5.26 -2.33
CA PRO D 232 -25.17 6.37 -1.72
C PRO D 232 -23.80 6.56 -2.35
N GLN D 233 -23.07 5.46 -2.59
CA GLN D 233 -21.73 5.53 -3.19
C GLN D 233 -21.85 6.30 -4.54
N GLN D 234 -22.89 6.05 -5.32
CA GLN D 234 -23.02 6.64 -6.65
C GLN D 234 -23.33 8.11 -6.54
N VAL D 235 -24.11 8.48 -5.52
CA VAL D 235 -24.37 9.88 -5.25
C VAL D 235 -23.10 10.61 -4.86
N VAL D 236 -22.34 9.98 -4.00
CA VAL D 236 -21.11 10.57 -3.50
C VAL D 236 -20.13 10.80 -4.67
N ALA D 237 -19.98 9.78 -5.49
CA ALA D 237 -19.15 9.88 -6.68
C ALA D 237 -19.56 11.04 -7.60
N ILE D 238 -20.86 11.19 -7.84
CA ILE D 238 -21.34 12.26 -8.70
C ILE D 238 -21.02 13.62 -8.08
N ALA D 239 -21.36 13.73 -6.79
CA ALA D 239 -21.25 14.93 -6.04
C ALA D 239 -19.78 15.38 -6.03
N SER D 240 -18.89 14.44 -5.74
CA SER D 240 -17.45 14.61 -5.72
C SER D 240 -16.83 15.00 -7.03
N ARG D 241 -17.32 14.46 -8.13
CA ARG D 241 -16.65 14.65 -9.42
C ARG D 241 -17.35 15.60 -10.34
N GLY D 242 -18.69 15.60 -10.34
CA GLY D 242 -19.49 16.55 -11.14
C GLY D 242 -20.22 17.68 -10.38
N GLY D 243 -20.19 17.64 -9.05
CA GLY D 243 -20.74 18.69 -8.19
C GLY D 243 -22.25 18.84 -8.23
N LYS D 244 -22.68 19.94 -7.63
CA LYS D 244 -24.04 20.40 -7.62
C LYS D 244 -24.69 20.27 -8.95
N GLN D 245 -24.01 20.78 -9.98
CA GLN D 245 -24.63 20.82 -11.32
C GLN D 245 -24.93 19.44 -11.86
N ALA D 246 -24.01 18.51 -11.60
CA ALA D 246 -24.21 17.13 -12.13
C ALA D 246 -25.31 16.45 -11.31
N LEU D 247 -25.32 16.65 -10.03
CA LEU D 247 -26.41 16.08 -9.20
C LEU D 247 -27.76 16.55 -9.72
N GLU D 248 -27.91 17.85 -9.96
CA GLU D 248 -29.22 18.40 -10.38
C GLU D 248 -29.59 17.87 -11.74
N THR D 249 -28.59 17.76 -12.62
CA THR D 249 -28.86 17.29 -13.96
C THR D 249 -29.21 15.79 -13.95
N VAL D 250 -28.59 15.02 -13.07
CA VAL D 250 -28.87 13.60 -12.94
C VAL D 250 -30.32 13.42 -12.47
N GLN D 251 -30.71 14.18 -11.45
CA GLN D 251 -32.07 14.18 -10.96
C GLN D 251 -33.09 14.46 -12.10
N ARG D 252 -32.76 15.40 -12.98
CA ARG D 252 -33.64 15.75 -14.08
C ARG D 252 -33.58 14.72 -15.22
N LEU D 253 -32.40 14.19 -15.56
CA LEU D 253 -32.27 13.45 -16.82
C LEU D 253 -32.24 11.95 -16.68
N LEU D 254 -32.07 11.43 -15.47
CA LEU D 254 -32.01 9.99 -15.28
C LEU D 254 -33.26 9.33 -15.90
N PRO D 255 -34.46 9.86 -15.60
CA PRO D 255 -35.67 9.25 -16.18
C PRO D 255 -35.67 9.26 -17.69
N VAL D 256 -35.35 10.38 -18.30
CA VAL D 256 -35.36 10.45 -19.74
C VAL D 256 -34.26 9.58 -20.36
N LEU D 257 -33.02 9.71 -19.87
CA LEU D 257 -31.91 8.98 -20.45
C LEU D 257 -32.09 7.47 -20.37
N CYS D 258 -32.69 6.99 -19.29
CA CYS D 258 -32.85 5.56 -19.10
C CYS D 258 -34.04 5.04 -19.89
N GLN D 259 -35.22 5.60 -19.65
CA GLN D 259 -36.45 5.11 -20.30
C GLN D 259 -36.50 5.41 -21.80
N ALA D 260 -36.34 6.68 -22.19
CA ALA D 260 -36.40 7.01 -23.61
C ALA D 260 -35.16 6.50 -24.40
N HIS D 261 -33.95 6.91 -24.00
CA HIS D 261 -32.71 6.63 -24.78
C HIS D 261 -32.05 5.26 -24.53
N GLY D 262 -32.45 4.58 -23.46
CA GLY D 262 -32.00 3.22 -23.17
C GLY D 262 -30.69 3.04 -22.40
N LEU D 263 -30.18 4.11 -21.78
CA LEU D 263 -28.95 3.99 -20.97
C LEU D 263 -29.25 3.34 -19.64
N THR D 264 -28.24 2.68 -19.10
CA THR D 264 -28.32 2.17 -17.74
C THR D 264 -28.03 3.34 -16.77
N PRO D 265 -28.55 3.25 -15.52
CA PRO D 265 -28.13 4.11 -14.41
C PRO D 265 -26.62 4.23 -14.29
N GLN D 266 -25.92 3.11 -14.34
CA GLN D 266 -24.47 3.07 -14.31
C GLN D 266 -23.84 4.02 -15.34
N GLN D 267 -24.35 3.95 -16.55
CA GLN D 267 -23.87 4.79 -17.61
C GLN D 267 -24.18 6.27 -17.37
N VAL D 268 -25.35 6.57 -16.81
CA VAL D 268 -25.67 7.95 -16.50
C VAL D 268 -24.74 8.47 -15.42
N VAL D 269 -24.48 7.65 -14.42
CA VAL D 269 -23.60 8.00 -13.33
C VAL D 269 -22.18 8.24 -13.85
N ALA D 270 -21.69 7.35 -14.70
CA ALA D 270 -20.35 7.53 -15.27
C ALA D 270 -20.21 8.84 -16.06
N ILE D 271 -21.22 9.23 -16.81
CA ILE D 271 -21.16 10.48 -17.56
C ILE D 271 -21.18 11.67 -16.60
N ALA D 272 -21.97 11.53 -15.54
CA ALA D 272 -22.21 12.61 -14.59
C ALA D 272 -20.99 12.86 -13.74
N SER D 273 -20.16 11.83 -13.54
CA SER D 273 -19.04 11.93 -12.58
C SER D 273 -17.70 12.45 -13.15
N ASN D 274 -17.76 13.71 -13.60
CA ASN D 274 -16.61 14.38 -14.16
C ASN D 274 -16.88 15.86 -14.07
N ASN D 275 -15.84 16.66 -14.12
CA ASN D 275 -16.03 18.08 -14.30
C ASN D 275 -16.89 18.24 -15.55
N GLY D 276 -17.86 19.15 -15.51
CA GLY D 276 -18.74 19.35 -16.66
C GLY D 276 -19.74 18.23 -16.90
N GLY D 277 -19.91 17.31 -15.94
CA GLY D 277 -20.92 16.24 -16.08
C GLY D 277 -22.28 16.75 -16.53
N LYS D 278 -22.71 17.88 -16.00
CA LYS D 278 -24.01 18.46 -16.47
C LYS D 278 -23.99 18.62 -17.98
N GLN D 279 -22.90 19.20 -18.48
CA GLN D 279 -22.75 19.50 -19.91
C GLN D 279 -22.68 18.19 -20.71
N ALA D 280 -21.89 17.22 -20.22
CA ALA D 280 -21.84 15.87 -20.84
C ALA D 280 -23.20 15.21 -20.88
N LEU D 281 -23.96 15.29 -19.79
CA LEU D 281 -25.27 14.65 -19.79
C LEU D 281 -26.24 15.25 -20.80
N GLU D 282 -26.31 16.57 -20.79
CA GLU D 282 -27.20 17.28 -21.70
C GLU D 282 -26.74 17.06 -23.11
N THR D 283 -25.45 16.89 -23.33
CA THR D 283 -24.95 16.71 -24.68
C THR D 283 -25.20 15.28 -25.16
N VAL D 284 -25.08 14.26 -24.32
CA VAL D 284 -25.50 12.96 -24.83
C VAL D 284 -27.01 12.88 -25.10
N GLN D 285 -27.82 13.56 -24.29
CA GLN D 285 -29.25 13.53 -24.57
C GLN D 285 -29.56 14.16 -25.94
N ARG D 286 -28.85 15.22 -26.30
CA ARG D 286 -29.08 15.93 -27.59
C ARG D 286 -28.55 15.15 -28.77
N LEU D 287 -27.39 14.51 -28.60
CA LEU D 287 -26.56 14.01 -29.72
C LEU D 287 -26.60 12.50 -29.90
N LEU D 288 -27.18 11.80 -28.95
CA LEU D 288 -27.26 10.35 -29.07
C LEU D 288 -27.92 9.95 -30.43
N PRO D 289 -29.02 10.61 -30.83
CA PRO D 289 -29.65 10.30 -32.13
C PRO D 289 -28.71 10.44 -33.32
N VAL D 290 -28.14 11.60 -33.53
CA VAL D 290 -27.27 11.81 -34.68
C VAL D 290 -26.04 10.89 -34.65
N LEU D 291 -25.53 10.59 -33.46
CA LEU D 291 -24.27 9.87 -33.37
C LEU D 291 -24.49 8.39 -33.66
N CYS D 292 -25.60 7.86 -33.17
CA CYS D 292 -25.91 6.48 -33.38
C CYS D 292 -26.50 6.29 -34.80
N GLN D 293 -27.51 7.12 -35.16
CA GLN D 293 -28.22 7.02 -36.44
C GLN D 293 -27.42 7.41 -37.65
N ALA D 294 -26.80 8.58 -37.62
CA ALA D 294 -26.05 9.05 -38.78
C ALA D 294 -24.57 8.70 -38.80
N HIS D 295 -23.86 8.69 -37.67
CA HIS D 295 -22.45 8.30 -37.69
C HIS D 295 -22.21 6.87 -37.31
N GLY D 296 -23.23 6.10 -37.00
CA GLY D 296 -23.05 4.68 -36.78
C GLY D 296 -22.21 4.32 -35.56
N LEU D 297 -22.36 5.06 -34.46
CA LEU D 297 -21.72 4.67 -33.20
C LEU D 297 -22.75 3.94 -32.39
N THR D 298 -22.26 3.07 -31.52
CA THR D 298 -23.12 2.44 -30.54
C THR D 298 -23.25 3.39 -29.36
N PRO D 299 -24.37 3.33 -28.63
CA PRO D 299 -24.52 4.00 -27.35
C PRO D 299 -23.30 3.83 -26.42
N GLN D 300 -22.77 2.61 -26.31
CA GLN D 300 -21.54 2.37 -25.55
C GLN D 300 -20.35 3.25 -25.96
N GLN D 301 -20.15 3.41 -27.25
CA GLN D 301 -19.08 4.31 -27.73
C GLN D 301 -19.38 5.79 -27.36
N VAL D 302 -20.64 6.19 -27.40
CA VAL D 302 -21.04 7.55 -27.12
C VAL D 302 -20.79 7.79 -25.61
N VAL D 303 -21.22 6.84 -24.82
CA VAL D 303 -20.98 6.86 -23.38
C VAL D 303 -19.49 6.93 -23.07
N ALA D 304 -18.67 6.16 -23.77
CA ALA D 304 -17.23 6.25 -23.53
C ALA D 304 -16.68 7.62 -23.88
N ILE D 305 -17.14 8.26 -24.98
CA ILE D 305 -16.66 9.60 -25.32
C ILE D 305 -17.07 10.65 -24.29
N ALA D 306 -18.28 10.49 -23.78
CA ALA D 306 -18.86 11.43 -22.84
C ALA D 306 -18.31 11.30 -21.43
N SER D 307 -17.68 10.17 -21.10
CA SER D 307 -17.31 9.85 -19.76
C SER D 307 -15.91 10.30 -19.38
N HIS D 308 -15.54 11.50 -19.83
CA HIS D 308 -14.25 12.10 -19.48
C HIS D 308 -14.59 13.57 -19.21
N ASP D 309 -13.73 14.28 -18.49
CA ASP D 309 -13.85 15.70 -18.41
C ASP D 309 -13.88 16.25 -19.86
N GLY D 310 -14.68 17.29 -20.08
CA GLY D 310 -14.85 17.88 -21.41
C GLY D 310 -15.61 16.99 -22.36
N GLY D 311 -16.31 15.97 -21.83
CA GLY D 311 -17.20 15.12 -22.61
C GLY D 311 -18.03 15.87 -23.62
N LYS D 312 -18.63 16.99 -23.24
CA LYS D 312 -19.44 17.76 -24.17
C LYS D 312 -18.59 18.14 -25.39
N GLN D 313 -17.41 18.68 -25.16
CA GLN D 313 -16.51 19.10 -26.24
C GLN D 313 -16.14 17.94 -27.17
N ALA D 314 -15.86 16.78 -26.57
CA ALA D 314 -15.48 15.62 -27.33
C ALA D 314 -16.64 15.20 -28.21
N LEU D 315 -17.81 15.03 -27.61
CA LEU D 315 -19.01 14.63 -28.36
C LEU D 315 -19.34 15.59 -29.51
N GLU D 316 -19.33 16.89 -29.25
CA GLU D 316 -19.56 17.85 -30.30
C GLU D 316 -18.50 17.78 -31.39
N THR D 317 -17.24 17.58 -31.03
CA THR D 317 -16.19 17.57 -32.02
C THR D 317 -16.34 16.30 -32.88
N VAL D 318 -16.69 15.20 -32.24
CA VAL D 318 -16.96 13.98 -32.96
C VAL D 318 -18.12 14.17 -33.93
N GLN D 319 -19.19 14.83 -33.50
CA GLN D 319 -20.27 15.16 -34.41
C GLN D 319 -19.79 15.93 -35.66
N ARG D 320 -18.89 16.87 -35.45
CA ARG D 320 -18.47 17.71 -36.54
C ARG D 320 -17.44 17.02 -37.42
N LEU D 321 -16.52 16.27 -36.83
CA LEU D 321 -15.34 15.78 -37.57
C LEU D 321 -15.34 14.32 -37.98
N LEU D 322 -16.17 13.50 -37.37
CA LEU D 322 -16.26 12.12 -37.80
C LEU D 322 -16.43 11.95 -39.34
N PRO D 323 -17.31 12.74 -39.98
CA PRO D 323 -17.45 12.61 -41.44
C PRO D 323 -16.18 12.90 -42.22
N VAL D 324 -15.51 13.97 -41.89
CA VAL D 324 -14.35 14.39 -42.64
C VAL D 324 -13.17 13.46 -42.39
N LEU D 325 -13.11 12.91 -41.19
CA LEU D 325 -12.00 12.07 -40.80
C LEU D 325 -12.11 10.70 -41.44
N CYS D 326 -13.33 10.17 -41.52
CA CYS D 326 -13.55 8.90 -42.19
C CYS D 326 -13.46 9.07 -43.71
N GLN D 327 -14.30 9.93 -44.27
CA GLN D 327 -14.39 10.11 -45.71
C GLN D 327 -13.09 10.64 -46.35
N ALA D 328 -12.60 11.81 -45.93
CA ALA D 328 -11.43 12.45 -46.54
C ALA D 328 -10.09 11.89 -46.06
N HIS D 329 -9.99 11.49 -44.80
CA HIS D 329 -8.71 10.99 -44.26
C HIS D 329 -8.63 9.47 -44.13
N GLY D 330 -9.73 8.76 -44.29
CA GLY D 330 -9.70 7.27 -44.34
C GLY D 330 -9.79 6.49 -43.03
N LEU D 331 -10.21 7.14 -41.94
CA LEU D 331 -10.27 6.45 -40.64
C LEU D 331 -11.59 5.74 -40.51
N THR D 332 -11.63 4.77 -39.61
CA THR D 332 -12.89 4.15 -39.25
C THR D 332 -13.50 4.95 -38.11
N PRO D 333 -14.81 4.77 -37.90
CA PRO D 333 -15.48 5.30 -36.70
C PRO D 333 -14.76 4.90 -35.43
N GLN D 334 -14.44 3.61 -35.32
CA GLN D 334 -13.80 3.04 -34.15
C GLN D 334 -12.53 3.81 -33.77
N GLN D 335 -11.74 4.18 -34.77
CA GLN D 335 -10.53 4.92 -34.49
C GLN D 335 -10.88 6.34 -34.04
N VAL D 336 -11.91 6.93 -34.63
CA VAL D 336 -12.32 8.26 -34.21
C VAL D 336 -12.76 8.23 -32.76
N VAL D 337 -13.46 7.16 -32.38
CA VAL D 337 -13.88 6.97 -30.99
C VAL D 337 -12.69 6.83 -30.02
N ALA D 338 -11.68 6.09 -30.41
CA ALA D 338 -10.51 5.90 -29.56
C ALA D 338 -9.78 7.22 -29.37
N ILE D 339 -9.70 8.02 -30.42
CA ILE D 339 -9.08 9.33 -30.31
C ILE D 339 -9.91 10.26 -29.41
N ALA D 340 -11.23 10.13 -29.49
CA ALA D 340 -12.13 11.05 -28.80
C ALA D 340 -12.32 10.69 -27.31
N SER D 341 -12.11 9.42 -26.94
CA SER D 341 -12.37 8.89 -25.58
C SER D 341 -11.22 9.04 -24.58
N ASN D 342 -10.67 10.24 -24.50
CA ASN D 342 -9.76 10.62 -23.44
C ASN D 342 -10.11 12.06 -23.05
N ASN D 343 -9.56 12.51 -21.94
CA ASN D 343 -9.55 13.92 -21.66
C ASN D 343 -8.96 14.60 -22.88
N GLY D 344 -9.49 15.77 -23.22
CA GLY D 344 -8.97 16.55 -24.32
C GLY D 344 -9.25 15.92 -25.66
N GLY D 345 -10.32 15.12 -25.72
CA GLY D 345 -10.73 14.46 -26.95
C GLY D 345 -10.88 15.44 -28.08
N LYS D 346 -11.53 16.57 -27.81
CA LYS D 346 -11.71 17.61 -28.81
C LYS D 346 -10.38 18.02 -29.41
N GLN D 347 -9.39 18.18 -28.53
CA GLN D 347 -8.11 18.65 -28.93
C GLN D 347 -7.41 17.61 -29.78
N ALA D 348 -7.47 16.35 -29.34
CA ALA D 348 -6.85 15.27 -30.10
C ALA D 348 -7.45 15.12 -31.53
N LEU D 349 -8.77 15.12 -31.61
CA LEU D 349 -9.46 15.14 -32.89
C LEU D 349 -9.04 16.34 -33.77
N GLU D 350 -9.13 17.54 -33.27
CA GLU D 350 -8.76 18.67 -34.05
C GLU D 350 -7.31 18.54 -34.49
N THR D 351 -6.42 18.04 -33.61
CA THR D 351 -5.00 17.99 -33.97
C THR D 351 -4.74 16.87 -34.99
N VAL D 352 -5.47 15.77 -34.90
CA VAL D 352 -5.33 14.71 -35.90
C VAL D 352 -5.78 15.25 -37.26
N GLN D 353 -6.84 16.05 -37.27
CA GLN D 353 -7.34 16.64 -38.52
C GLN D 353 -6.30 17.46 -39.29
N ARG D 354 -5.59 18.36 -38.63
CA ARG D 354 -4.65 19.16 -39.37
C ARG D 354 -3.26 18.54 -39.47
N LEU D 355 -3.01 17.43 -38.78
CA LEU D 355 -1.64 16.88 -38.73
C LEU D 355 -1.43 15.54 -39.38
N LEU D 356 -2.47 14.73 -39.47
CA LEU D 356 -2.43 13.45 -40.15
C LEU D 356 -1.71 13.50 -41.51
N PRO D 357 -2.04 14.48 -42.39
CA PRO D 357 -1.36 14.57 -43.69
C PRO D 357 0.08 15.10 -43.61
N VAL D 358 0.35 15.99 -42.67
CA VAL D 358 1.70 16.50 -42.49
C VAL D 358 2.62 15.40 -41.96
N LEU D 359 2.08 14.54 -41.11
CA LEU D 359 2.89 13.53 -40.42
C LEU D 359 3.19 12.34 -41.31
N CYS D 360 2.22 11.91 -42.09
CA CYS D 360 2.47 10.87 -43.06
C CYS D 360 3.43 11.40 -44.14
N GLN D 361 3.08 12.51 -44.77
CA GLN D 361 3.88 13.00 -45.90
C GLN D 361 5.25 13.53 -45.51
N ALA D 362 5.31 14.51 -44.62
CA ALA D 362 6.61 15.11 -44.32
C ALA D 362 7.50 14.23 -43.44
N HIS D 363 6.94 13.22 -42.77
CA HIS D 363 7.74 12.44 -41.82
C HIS D 363 7.64 10.92 -41.97
N GLY D 364 6.81 10.45 -42.90
CA GLY D 364 6.77 9.03 -43.25
C GLY D 364 5.99 8.14 -42.31
N LEU D 365 5.09 8.70 -41.52
CA LEU D 365 4.29 7.89 -40.64
C LEU D 365 3.07 7.39 -41.35
N THR D 366 2.57 6.25 -40.91
CA THR D 366 1.37 5.71 -41.47
C THR D 366 0.22 6.29 -40.69
N PRO D 367 -0.97 6.26 -41.27
CA PRO D 367 -2.16 6.68 -40.54
C PRO D 367 -2.37 5.89 -39.22
N GLU D 368 -2.05 4.59 -39.20
CA GLU D 368 -2.26 3.75 -38.00
C GLU D 368 -1.40 4.27 -36.85
N GLN D 369 -0.20 4.67 -37.19
CA GLN D 369 0.70 5.23 -36.23
C GLN D 369 0.17 6.58 -35.68
N VAL D 370 -0.48 7.38 -36.51
CA VAL D 370 -0.96 8.70 -36.08
C VAL D 370 -2.13 8.51 -35.13
N VAL D 371 -2.96 7.53 -35.44
CA VAL D 371 -4.05 7.16 -34.58
C VAL D 371 -3.55 6.74 -33.20
N ALA D 372 -2.53 5.89 -33.18
CA ALA D 372 -2.01 5.38 -31.92
C ALA D 372 -1.50 6.55 -31.04
N ILE D 373 -0.84 7.53 -31.64
CA ILE D 373 -0.32 8.65 -30.88
C ILE D 373 -1.46 9.47 -30.30
N ALA D 374 -2.51 9.61 -31.09
CA ALA D 374 -3.60 10.49 -30.78
C ALA D 374 -4.56 9.86 -29.80
N SER D 375 -4.47 8.54 -29.62
CA SER D 375 -5.48 7.80 -28.84
C SER D 375 -5.20 7.71 -27.34
N ASN D 376 -4.34 8.60 -26.86
CA ASN D 376 -4.07 8.71 -25.44
C ASN D 376 -4.37 10.12 -24.98
N GLY D 377 -4.54 10.24 -23.67
CA GLY D 377 -4.76 11.52 -23.05
C GLY D 377 -3.55 12.38 -23.37
N GLY D 378 -3.84 13.61 -23.79
CA GLY D 378 -2.80 14.50 -24.28
C GLY D 378 -2.39 14.26 -25.73
N GLY D 379 -3.27 13.63 -26.49
CA GLY D 379 -2.92 13.29 -27.87
C GLY D 379 -2.41 14.48 -28.68
N LYS D 380 -3.09 15.61 -28.54
CA LYS D 380 -2.70 16.82 -29.19
C LYS D 380 -1.24 17.10 -28.93
N GLN D 381 -0.86 17.03 -27.66
CA GLN D 381 0.51 17.36 -27.25
C GLN D 381 1.53 16.39 -27.81
N ALA D 382 1.22 15.08 -27.75
CA ALA D 382 2.12 14.07 -28.33
C ALA D 382 2.26 14.29 -29.83
N LEU D 383 1.16 14.51 -30.54
CA LEU D 383 1.28 14.71 -31.98
C LEU D 383 2.21 15.87 -32.33
N GLU D 384 2.07 16.97 -31.60
CA GLU D 384 2.78 18.18 -31.94
C GLU D 384 4.25 17.99 -31.62
N THR D 385 4.50 17.13 -30.64
CA THR D 385 5.85 16.91 -30.20
C THR D 385 6.53 15.96 -31.16
N VAL D 386 5.79 14.97 -31.68
CA VAL D 386 6.36 14.13 -32.72
C VAL D 386 6.69 14.99 -33.93
N GLN D 387 5.76 15.84 -34.35
CA GLN D 387 5.98 16.71 -35.50
C GLN D 387 7.23 17.54 -35.32
N ARG D 388 7.39 18.12 -34.15
CA ARG D 388 8.55 18.93 -33.85
C ARG D 388 9.86 18.10 -33.68
N LEU D 389 9.80 16.95 -33.01
CA LEU D 389 11.00 16.28 -32.54
C LEU D 389 11.47 15.08 -33.35
N LEU D 390 10.61 14.55 -34.19
CA LEU D 390 10.95 13.38 -34.98
C LEU D 390 12.21 13.61 -35.86
N PRO D 391 12.33 14.78 -36.53
CA PRO D 391 13.56 15.08 -37.27
C PRO D 391 14.83 14.95 -36.45
N VAL D 392 14.87 15.63 -35.32
CA VAL D 392 16.08 15.69 -34.54
C VAL D 392 16.36 14.37 -33.83
N LEU D 393 15.31 13.70 -33.36
CA LEU D 393 15.49 12.40 -32.69
C LEU D 393 16.07 11.33 -33.64
N CYS D 394 15.64 11.33 -34.90
CA CYS D 394 16.13 10.38 -35.89
C CYS D 394 17.54 10.73 -36.40
N GLN D 395 17.75 11.99 -36.76
CA GLN D 395 18.97 12.40 -37.44
C GLN D 395 20.13 12.77 -36.56
N ALA D 396 19.85 13.20 -35.33
CA ALA D 396 20.93 13.53 -34.40
C ALA D 396 21.17 12.36 -33.44
N HIS D 397 20.10 11.92 -32.78
CA HIS D 397 20.23 10.87 -31.78
C HIS D 397 20.17 9.48 -32.43
N GLY D 398 19.83 9.40 -33.71
CA GLY D 398 19.90 8.13 -34.44
C GLY D 398 18.78 7.12 -34.23
N LEU D 399 17.62 7.56 -33.73
CA LEU D 399 16.48 6.64 -33.52
C LEU D 399 15.70 6.45 -34.79
N THR D 400 14.90 5.40 -34.85
CA THR D 400 13.98 5.17 -35.96
C THR D 400 12.63 5.84 -35.73
N PRO D 401 11.90 6.13 -36.83
CA PRO D 401 10.53 6.55 -36.63
C PRO D 401 9.69 5.62 -35.73
N GLU D 402 9.84 4.31 -35.85
CA GLU D 402 9.07 3.33 -35.06
C GLU D 402 9.25 3.50 -33.57
N GLN D 403 10.49 3.85 -33.22
CA GLN D 403 10.90 4.12 -31.86
C GLN D 403 10.24 5.38 -31.31
N VAL D 404 10.28 6.45 -32.10
CA VAL D 404 9.71 7.73 -31.73
C VAL D 404 8.22 7.55 -31.46
N VAL D 405 7.57 6.80 -32.35
CA VAL D 405 6.13 6.49 -32.24
C VAL D 405 5.79 5.66 -30.98
N ALA D 406 6.63 4.70 -30.65
CA ALA D 406 6.42 3.93 -29.43
C ALA D 406 6.47 4.87 -28.20
N ILE D 407 7.46 5.76 -28.17
CA ILE D 407 7.58 6.69 -27.05
C ILE D 407 6.33 7.61 -26.95
N ALA D 408 5.88 8.10 -28.09
CA ALA D 408 4.80 9.05 -28.14
C ALA D 408 3.43 8.44 -27.85
N SER D 409 3.30 7.12 -27.90
CA SER D 409 1.98 6.45 -27.85
C SER D 409 1.54 6.01 -26.49
N HIS D 410 1.80 6.86 -25.51
CA HIS D 410 1.31 6.69 -24.15
C HIS D 410 0.89 8.06 -23.61
N ASP D 411 0.06 8.06 -22.59
CA ASP D 411 -0.24 9.28 -21.89
C ASP D 411 1.10 9.91 -21.49
N GLY D 412 1.24 11.21 -21.72
CA GLY D 412 2.45 11.93 -21.37
C GLY D 412 3.54 11.73 -22.41
N GLY D 413 3.14 11.34 -23.61
CA GLY D 413 4.11 11.10 -24.67
C GLY D 413 5.03 12.28 -24.85
N LYS D 414 4.45 13.48 -24.90
CA LYS D 414 5.24 14.71 -25.07
C LYS D 414 6.34 14.77 -24.05
N GLN D 415 5.98 14.49 -22.81
CA GLN D 415 6.93 14.54 -21.73
C GLN D 415 8.03 13.48 -21.96
N ALA D 416 7.63 12.28 -22.37
CA ALA D 416 8.62 11.22 -22.58
C ALA D 416 9.57 11.59 -23.73
N LEU D 417 9.03 12.10 -24.84
CA LEU D 417 9.85 12.52 -25.98
C LEU D 417 10.87 13.59 -25.64
N GLU D 418 10.42 14.62 -24.94
CA GLU D 418 11.33 15.65 -24.51
C GLU D 418 12.35 15.14 -23.47
N THR D 419 11.95 14.21 -22.62
CA THR D 419 12.94 13.62 -21.69
C THR D 419 14.00 12.81 -22.45
N VAL D 420 13.57 12.05 -23.44
CA VAL D 420 14.53 11.26 -24.23
C VAL D 420 15.53 12.21 -24.92
N GLN D 421 15.04 13.25 -25.58
CA GLN D 421 15.93 14.27 -26.13
C GLN D 421 16.96 14.73 -25.11
N ARG D 422 16.48 15.11 -23.93
CA ARG D 422 17.36 15.66 -22.90
C ARG D 422 18.39 14.65 -22.37
N LEU D 423 17.97 13.40 -22.19
CA LEU D 423 18.73 12.46 -21.37
C LEU D 423 19.39 11.33 -22.14
N LEU D 424 19.04 11.16 -23.41
CA LEU D 424 19.62 10.11 -24.21
C LEU D 424 21.15 10.21 -24.27
N PRO D 425 21.70 11.42 -24.47
CA PRO D 425 23.17 11.53 -24.61
C PRO D 425 23.89 11.04 -23.36
N VAL D 426 23.44 11.49 -22.20
CA VAL D 426 24.09 11.11 -20.94
C VAL D 426 23.84 9.64 -20.58
N LEU D 427 22.68 9.14 -20.92
CA LEU D 427 22.40 7.74 -20.65
C LEU D 427 23.25 6.81 -21.50
N CYS D 428 23.49 7.20 -22.74
CA CYS D 428 24.21 6.32 -23.66
C CYS D 428 25.69 6.45 -23.45
N GLN D 429 26.19 7.67 -23.66
CA GLN D 429 27.62 7.93 -23.68
C GLN D 429 28.27 7.80 -22.30
N ALA D 430 27.60 8.30 -21.27
CA ALA D 430 28.19 8.26 -19.93
C ALA D 430 27.88 6.97 -19.17
N HIS D 431 26.73 6.34 -19.40
CA HIS D 431 26.39 5.14 -18.60
C HIS D 431 26.26 3.84 -19.38
N GLY D 432 26.44 3.89 -20.69
CA GLY D 432 26.55 2.67 -21.48
C GLY D 432 25.22 2.03 -21.87
N LEU D 433 24.09 2.64 -21.52
CA LEU D 433 22.80 2.14 -22.01
C LEU D 433 22.77 2.21 -23.53
N THR D 434 22.11 1.25 -24.17
CA THR D 434 21.83 1.34 -25.60
C THR D 434 20.68 2.30 -25.87
N PRO D 435 20.59 2.79 -27.12
CA PRO D 435 19.41 3.59 -27.49
C PRO D 435 18.09 2.80 -27.27
N GLN D 436 18.12 1.51 -27.58
CA GLN D 436 16.93 0.67 -27.49
C GLN D 436 16.45 0.59 -26.04
N GLN D 437 17.38 0.62 -25.09
CA GLN D 437 17.00 0.54 -23.67
C GLN D 437 16.36 1.89 -23.21
N VAL D 438 16.87 3.02 -23.69
CA VAL D 438 16.25 4.28 -23.27
C VAL D 438 14.87 4.34 -23.88
N VAL D 439 14.71 3.84 -25.10
CA VAL D 439 13.44 3.84 -25.74
C VAL D 439 12.42 3.04 -24.94
N ALA D 440 12.88 1.87 -24.50
CA ALA D 440 11.99 0.92 -23.86
C ALA D 440 11.49 1.48 -22.53
N ILE D 441 12.38 2.16 -21.81
CA ILE D 441 12.03 2.79 -20.55
C ILE D 441 11.01 3.86 -20.85
N ALA D 442 11.30 4.66 -21.86
CA ALA D 442 10.43 5.77 -22.27
C ALA D 442 9.03 5.35 -22.76
N SER D 443 8.91 4.14 -23.27
CA SER D 443 7.69 3.73 -23.95
C SER D 443 6.64 3.11 -23.00
N ASN D 444 6.31 3.85 -21.95
CA ASN D 444 5.30 3.45 -20.98
C ASN D 444 4.71 4.73 -20.45
N GLY D 445 3.49 4.65 -19.89
CA GLY D 445 3.00 5.78 -19.08
C GLY D 445 4.00 6.02 -17.98
N GLY D 446 4.29 7.28 -17.69
CA GLY D 446 5.30 7.64 -16.70
C GLY D 446 6.73 7.55 -17.24
N GLY D 447 6.86 7.53 -18.55
CA GLY D 447 8.16 7.49 -19.19
C GLY D 447 9.10 8.55 -18.68
N ARG D 448 8.62 9.79 -18.62
CA ARG D 448 9.51 10.88 -18.20
C ARG D 448 10.09 10.60 -16.82
N PRO D 449 9.23 10.36 -15.81
CA PRO D 449 9.75 10.12 -14.49
C PRO D 449 10.59 8.85 -14.37
N ALA D 450 10.34 7.86 -15.19
CA ALA D 450 11.18 6.66 -15.16
C ALA D 450 12.58 6.97 -15.72
N LEU D 451 12.66 7.74 -16.80
CA LEU D 451 13.97 8.15 -17.31
C LEU D 451 14.70 9.03 -16.32
N GLU D 452 14.00 9.99 -15.72
CA GLU D 452 14.63 10.88 -14.73
C GLU D 452 15.08 10.10 -13.49
N SER D 453 14.26 9.15 -13.06
CA SER D 453 14.63 8.33 -11.91
C SER D 453 15.84 7.42 -12.12
N ILE D 454 15.97 6.89 -13.32
CA ILE D 454 17.11 6.06 -13.66
C ILE D 454 18.40 6.91 -13.76
N VAL D 455 18.32 8.09 -14.36
CA VAL D 455 19.48 8.97 -14.43
C VAL D 455 19.89 9.40 -13.05
N ALA D 456 18.92 9.70 -12.21
CA ALA D 456 19.21 10.07 -10.84
C ALA D 456 19.97 8.95 -10.10
N GLN D 457 19.52 7.71 -10.20
CA GLN D 457 20.23 6.59 -9.58
C GLN D 457 21.62 6.32 -10.24
N LEU D 458 21.72 6.44 -11.57
CA LEU D 458 22.98 6.20 -12.25
C LEU D 458 24.04 7.26 -11.91
N SER D 459 23.61 8.52 -11.76
CA SER D 459 24.42 9.62 -11.27
C SER D 459 24.08 9.59 -9.77
N ARG D 460 25.01 9.79 -8.85
CA ARG D 460 24.66 9.83 -7.41
C ARG D 460 24.06 8.53 -6.84
N PRO D 461 24.56 7.37 -7.27
CA PRO D 461 23.95 6.09 -6.92
C PRO D 461 23.11 6.11 -5.63
N ASP D 462 21.81 6.34 -5.81
CA ASP D 462 20.85 6.72 -4.73
C ASP D 462 20.83 5.78 -3.50
N PRO D 463 19.95 6.04 -2.49
CA PRO D 463 20.04 5.26 -1.22
C PRO D 463 19.75 3.73 -1.37
N ALA D 464 19.94 2.94 -0.29
CA ALA D 464 20.39 1.50 -0.34
C ALA D 464 20.82 0.85 -1.66
N LEU D 465 20.18 1.24 -2.76
CA LEU D 465 20.82 1.66 -4.03
C LEU D 465 20.74 0.70 -5.22
N ALA D 466 21.85 0.02 -5.45
CA ALA D 466 22.12 -0.72 -6.64
C ALA D 466 23.41 -1.54 -6.42
N ALA D 467 23.26 -2.57 -5.61
CA ALA D 467 23.98 -3.82 -5.84
C ALA D 467 23.69 -4.27 -7.29
N LEU D 468 22.56 -3.82 -7.82
CA LEU D 468 22.13 -4.17 -9.16
C LEU D 468 22.92 -3.54 -10.31
N THR D 469 22.87 -4.22 -11.45
CA THR D 469 23.52 -3.79 -12.68
C THR D 469 22.63 -2.82 -13.43
N ASN D 470 23.27 -2.14 -14.36
CA ASN D 470 22.60 -1.13 -15.17
C ASN D 470 21.43 -1.76 -15.89
N ASP D 471 21.69 -2.95 -16.43
CA ASP D 471 20.68 -3.70 -17.15
C ASP D 471 19.47 -4.08 -16.25
N HIS D 472 19.69 -4.37 -14.98
CA HIS D 472 18.62 -4.74 -14.08
C HIS D 472 17.74 -3.52 -13.84
N LEU D 473 18.38 -2.40 -13.54
CA LEU D 473 17.67 -1.14 -13.35
C LEU D 473 16.86 -0.82 -14.58
N VAL D 474 17.43 -1.05 -15.76
CA VAL D 474 16.68 -0.77 -16.97
C VAL D 474 15.39 -1.61 -17.00
N ALA D 475 15.53 -2.89 -16.74
CA ALA D 475 14.39 -3.79 -16.80
C ALA D 475 13.35 -3.34 -15.76
N LEU D 476 13.83 -2.96 -14.58
CA LEU D 476 12.91 -2.49 -13.53
C LEU D 476 12.18 -1.25 -14.04
N ALA D 477 12.95 -0.30 -14.54
CA ALA D 477 12.41 0.92 -15.06
C ALA D 477 11.39 0.67 -16.17
N CYS D 478 11.66 -0.31 -17.05
CA CYS D 478 10.70 -0.66 -18.10
C CYS D 478 9.41 -1.25 -17.55
N LEU D 479 9.57 -2.10 -16.54
CA LEU D 479 8.45 -2.84 -15.97
C LEU D 479 7.52 -2.02 -15.11
N GLY D 480 8.07 -1.12 -14.30
CA GLY D 480 7.28 -0.38 -13.30
C GLY D 480 7.69 1.06 -13.05
N GLY D 481 8.51 1.63 -13.94
CA GLY D 481 8.82 3.04 -13.91
C GLY D 481 9.50 3.49 -12.62
N ARG D 482 9.35 4.77 -12.31
CA ARG D 482 9.82 5.32 -11.07
C ARG D 482 9.34 4.51 -9.86
N PRO D 483 8.05 4.14 -9.82
CA PRO D 483 7.60 3.41 -8.63
C PRO D 483 8.36 2.12 -8.38
N ALA D 484 8.77 1.44 -9.45
CA ALA D 484 9.53 0.19 -9.27
C ALA D 484 10.89 0.49 -8.69
N LEU D 485 11.54 1.52 -9.23
CA LEU D 485 12.81 2.02 -8.72
C LEU D 485 12.73 2.60 -7.31
N ASP D 486 11.71 3.40 -7.01
CA ASP D 486 11.54 3.93 -5.64
C ASP D 486 11.27 2.76 -4.70
N ALA D 487 10.49 1.79 -5.13
CA ALA D 487 10.39 0.53 -4.38
C ALA D 487 11.71 -0.30 -4.43
N VAL D 488 12.76 0.17 -5.11
CA VAL D 488 14.03 -0.58 -5.18
C VAL D 488 14.60 -0.69 -3.79
N LYS D 489 14.39 0.33 -2.96
CA LYS D 489 14.32 0.03 -1.53
C LYS D 489 13.07 0.61 -0.91
N LYS D 490 12.02 -0.20 -1.03
CA LYS D 490 10.72 -0.14 -0.33
C LYS D 490 10.59 0.67 0.99
N LEU D 491 10.73 2.00 0.95
CA LEU D 491 10.51 2.93 2.11
C LEU D 491 11.59 2.93 3.25
N GLU D 492 12.60 3.81 3.18
CA GLU D 492 13.79 3.74 4.05
C GLU D 492 14.08 5.04 4.88
N HIS D 493 13.14 5.51 5.70
CA HIS D 493 13.32 6.70 6.56
C HIS D 493 13.37 6.48 8.09
N HIS D 494 13.04 5.28 8.58
CA HIS D 494 13.03 5.00 10.04
C HIS D 494 13.03 3.51 10.51
N HIS D 495 12.51 2.58 9.70
CA HIS D 495 12.48 1.14 10.02
C HIS D 495 13.88 0.44 10.04
N HIS D 496 14.61 0.53 8.92
CA HIS D 496 15.97 -0.11 8.77
C HIS D 496 16.83 0.09 10.01
#